data_3KOP
#
_entry.id   3KOP
#
_cell.length_a   69.294
_cell.length_b   98.102
_cell.length_c   84.503
_cell.angle_alpha   90.000
_cell.angle_beta   93.190
_cell.angle_gamma   90.000
#
_symmetry.space_group_name_H-M   'P 1 21 1'
#
loop_
_entity.id
_entity.type
_entity.pdbx_description
1 polymer 'Uncharacterized protein'
2 water water
#
_entity_poly.entity_id   1
_entity_poly.type   'polypeptide(L)'
_entity_poly.pdbx_seq_one_letter_code
;(MSE)GSDKIHHHHHHENLYFQG(MSE)ARYINITLEKRGVTCKALLLDDVAPRTSKAVWDALPQSSQVFHGKYARNEIY
NLVPAFAPKEPGAENTTVTPIPGDVCYFTFTSNDLKTPSHGYEADSGTDEVQTIVDLAVFYGRNNLLLNGDTGWVPGNVF
ATIVEGLDE(MSE)AAACQDIW(MSE)GGARDETLTFSRAEDTA
;
_entity_poly.pdbx_strand_id   A,B,C,D,E,F
#
# COMPACT_ATOMS: atom_id res chain seq x y z
N MSE A 20 19.80 30.57 17.04
CA MSE A 20 20.48 31.00 15.79
C MSE A 20 20.59 29.80 14.83
O MSE A 20 21.16 28.75 15.19
CB MSE A 20 21.87 31.55 16.09
N ALA A 21 20.01 29.96 13.64
CA ALA A 21 20.06 28.99 12.56
C ALA A 21 21.48 28.50 12.31
N ARG A 22 21.62 27.20 12.10
CA ARG A 22 22.88 26.62 11.69
C ARG A 22 22.72 26.00 10.32
N TYR A 23 23.80 26.03 9.55
CA TYR A 23 23.79 25.51 8.20
C TYR A 23 24.90 24.50 7.99
N ILE A 24 24.62 23.56 7.08
CA ILE A 24 25.60 22.59 6.63
C ILE A 24 25.81 22.68 5.14
N ASN A 25 27.04 22.38 4.73
CA ASN A 25 27.36 22.22 3.34
C ASN A 25 27.31 20.75 2.95
N ILE A 26 26.81 20.50 1.76
CA ILE A 26 26.67 19.14 1.23
C ILE A 26 27.35 19.14 -0.14
N THR A 27 28.38 18.32 -0.29
CA THR A 27 29.32 18.45 -1.39
C THR A 27 29.58 17.14 -2.10
N LEU A 28 29.54 17.17 -3.43
CA LEU A 28 30.05 16.09 -4.26
C LEU A 28 31.51 16.46 -4.59
N GLU A 29 32.47 15.68 -4.08
CA GLU A 29 33.89 16.03 -4.15
CA GLU A 29 33.87 16.07 -4.16
C GLU A 29 34.44 15.96 -5.57
N LYS A 30 34.09 14.94 -6.32
CA LYS A 30 34.65 14.79 -7.67
C LYS A 30 34.04 15.80 -8.63
N ARG A 31 32.73 15.89 -8.68
CA ARG A 31 32.09 16.89 -9.53
C ARG A 31 32.30 18.30 -9.02
N GLY A 32 32.62 18.45 -7.74
CA GLY A 32 32.89 19.79 -7.19
C GLY A 32 31.64 20.64 -7.13
N VAL A 33 30.53 20.06 -6.70
CA VAL A 33 29.26 20.78 -6.60
C VAL A 33 28.85 20.78 -5.14
N THR A 34 28.50 21.94 -4.60
CA THR A 34 28.11 22.02 -3.18
C THR A 34 26.79 22.73 -3.10
N CYS A 35 25.95 22.35 -2.14
CA CYS A 35 24.76 23.12 -1.80
C CYS A 35 24.75 23.30 -0.30
N LYS A 36 23.90 24.19 0.19
CA LYS A 36 23.84 24.54 1.60
C LYS A 36 22.47 24.28 2.13
N ALA A 37 22.39 23.74 3.35
CA ALA A 37 21.11 23.39 3.97
C ALA A 37 20.99 23.94 5.37
N LEU A 38 19.79 24.39 5.67
CA LEU A 38 19.43 24.78 7.01
C LEU A 38 19.23 23.53 7.88
N LEU A 39 19.87 23.48 9.03
CA LEU A 39 19.72 22.38 9.97
C LEU A 39 18.47 22.62 10.75
N LEU A 40 17.62 21.59 10.82
CA LEU A 40 16.30 21.73 11.45
C LEU A 40 16.37 21.45 12.94
N ASP A 41 17.13 22.29 13.63
CA ASP A 41 17.31 22.19 15.08
C ASP A 41 16.00 22.28 15.84
N ASP A 42 15.03 23.01 15.29
CA ASP A 42 13.73 23.23 15.94
CA ASP A 42 13.76 23.21 16.00
C ASP A 42 12.83 21.99 15.96
N VAL A 43 12.67 21.35 14.81
CA VAL A 43 11.76 20.19 14.69
C VAL A 43 12.45 18.84 14.63
N ALA A 44 13.79 18.79 14.45
CA ALA A 44 14.57 17.52 14.53
C ALA A 44 15.82 17.77 15.40
N PRO A 45 15.60 18.17 16.66
CA PRO A 45 16.76 18.54 17.48
C PRO A 45 17.74 17.41 17.73
N ARG A 46 17.25 16.19 17.96
CA ARG A 46 18.14 15.11 18.32
C ARG A 46 18.97 14.66 17.13
N THR A 47 18.31 14.58 15.97
CA THR A 47 19.01 14.25 14.72
C THR A 47 20.00 15.34 14.28
N SER A 48 19.55 16.58 14.36
CA SER A 48 20.39 17.73 14.01
C SER A 48 21.67 17.73 14.85
N LYS A 49 21.52 17.54 16.16
CA LYS A 49 22.65 17.48 17.07
C LYS A 49 23.59 16.31 16.78
N ALA A 50 22.99 15.14 16.58
CA ALA A 50 23.76 13.92 16.29
C ALA A 50 24.65 14.11 15.08
N VAL A 51 24.08 14.66 14.01
CA VAL A 51 24.82 14.92 12.80
C VAL A 51 25.85 16.06 12.97
N TRP A 52 25.39 17.24 13.38
CA TRP A 52 26.27 18.41 13.53
C TRP A 52 27.51 18.05 14.35
N ASP A 53 27.30 17.42 15.50
CA ASP A 53 28.42 17.10 16.40
C ASP A 53 29.46 16.23 15.72
N ALA A 54 29.05 15.39 14.77
CA ALA A 54 29.91 14.40 14.10
C ALA A 54 30.52 14.86 12.78
N LEU A 55 30.13 16.02 12.27
CA LEU A 55 30.63 16.47 10.96
C LEU A 55 32.13 16.80 11.01
N PRO A 56 32.84 16.57 9.90
CA PRO A 56 32.30 16.09 8.61
C PRO A 56 32.03 14.58 8.56
N GLN A 57 31.08 14.18 7.72
CA GLN A 57 30.83 12.80 7.43
C GLN A 57 30.89 12.70 5.92
N SER A 58 31.70 11.77 5.45
CA SER A 58 32.01 11.68 4.04
C SER A 58 32.15 10.22 3.63
N SER A 59 31.51 9.85 2.53
CA SER A 59 31.70 8.51 2.01
C SER A 59 31.23 8.40 0.56
N GLN A 60 31.58 7.27 -0.09
CA GLN A 60 31.09 6.92 -1.43
C GLN A 60 29.62 7.26 -1.59
N VAL A 61 29.29 7.96 -2.68
CA VAL A 61 27.90 8.25 -3.01
C VAL A 61 27.24 7.07 -3.76
N PHE A 62 25.93 7.00 -3.59
CA PHE A 62 25.08 6.03 -4.26
C PHE A 62 23.83 6.76 -4.71
N HIS A 63 23.31 6.35 -5.87
CA HIS A 63 21.99 6.81 -6.30
C HIS A 63 20.96 5.81 -5.81
N GLY A 64 19.83 6.30 -5.31
CA GLY A 64 18.73 5.41 -4.89
C GLY A 64 18.19 4.58 -6.04
N LYS A 65 17.77 3.35 -5.74
CA LYS A 65 17.15 2.45 -6.72
C LYS A 65 15.62 2.34 -6.49
N TYR A 66 15.15 2.68 -5.27
CA TYR A 66 13.70 2.62 -4.95
C TYR A 66 13.08 3.98 -4.52
N ALA A 67 13.85 4.82 -3.82
CA ALA A 67 13.34 6.09 -3.28
C ALA A 67 13.37 7.20 -4.32
N ARG A 68 13.79 6.87 -5.52
CA ARG A 68 13.66 7.70 -6.72
C ARG A 68 14.68 8.82 -6.80
N ASN A 69 14.31 10.07 -6.52
CA ASN A 69 15.22 11.20 -6.71
C ASN A 69 16.11 11.45 -5.50
N GLU A 70 16.99 10.49 -5.29
CA GLU A 70 17.77 10.41 -4.06
C GLU A 70 19.21 10.05 -4.38
N ILE A 71 20.14 10.71 -3.69
CA ILE A 71 21.48 10.19 -3.54
C ILE A 71 21.72 10.06 -2.05
N TYR A 72 22.70 9.25 -1.69
CA TYR A 72 22.99 9.03 -0.30
C TYR A 72 24.40 8.49 -0.08
N ASN A 73 24.84 8.58 1.17
CA ASN A 73 26.01 7.79 1.59
C ASN A 73 25.69 6.93 2.79
N LEU A 74 26.65 6.07 3.11
CA LEU A 74 26.54 5.15 4.23
C LEU A 74 27.80 5.29 5.07
N VAL A 75 27.60 5.57 6.36
CA VAL A 75 28.72 5.69 7.31
C VAL A 75 28.51 4.91 8.60
N PRO A 76 29.59 4.58 9.30
CA PRO A 76 29.40 3.93 10.57
C PRO A 76 28.66 4.86 11.51
N ALA A 77 27.88 4.32 12.42
CA ALA A 77 27.19 5.13 13.44
C ALA A 77 28.21 6.03 14.14
N PHE A 78 27.77 7.26 14.41
CA PHE A 78 28.65 8.28 15.00
C PHE A 78 28.17 8.89 16.32
N ALA A 79 26.86 8.87 16.58
CA ALA A 79 26.29 9.48 17.77
C ALA A 79 26.50 8.55 18.97
N PRO A 80 26.59 9.11 20.20
CA PRO A 80 26.62 8.27 21.41
C PRO A 80 25.37 7.40 21.54
N LYS A 81 24.23 7.91 21.08
CA LYS A 81 23.03 7.10 20.96
C LYS A 81 22.20 7.58 19.77
N GLU A 82 21.57 6.62 19.10
CA GLU A 82 20.77 6.92 17.93
C GLU A 82 19.56 7.83 18.28
N PRO A 83 19.17 8.74 17.34
CA PRO A 83 18.12 9.70 17.71
C PRO A 83 16.72 9.09 17.80
N GLY A 84 16.51 7.93 17.20
CA GLY A 84 15.17 7.35 17.04
C GLY A 84 14.36 8.14 16.03
N ALA A 85 13.09 7.76 15.83
CA ALA A 85 12.25 8.43 14.85
C ALA A 85 12.05 9.89 15.27
N GLU A 86 12.20 10.78 14.31
CA GLU A 86 12.06 12.17 14.56
C GLU A 86 11.79 12.90 13.28
N ASN A 87 10.69 13.65 13.24
CA ASN A 87 10.33 14.45 12.06
C ASN A 87 10.36 13.62 10.78
N THR A 88 9.78 12.43 10.87
CA THR A 88 9.94 11.43 9.83
C THR A 88 9.04 11.72 8.61
N THR A 89 9.48 11.18 7.47
CA THR A 89 8.70 11.17 6.23
C THR A 89 8.85 9.83 5.54
N VAL A 90 7.82 9.42 4.79
CA VAL A 90 7.94 8.41 3.72
C VAL A 90 7.64 9.03 2.35
N THR A 91 7.46 10.34 2.35
CA THR A 91 7.18 11.14 1.12
C THR A 91 8.17 12.33 1.05
N PRO A 92 9.46 12.04 0.94
CA PRO A 92 10.46 13.10 0.93
C PRO A 92 10.31 13.99 -0.30
N ILE A 93 10.59 15.28 -0.12
CA ILE A 93 10.36 16.29 -1.13
C ILE A 93 11.67 16.91 -1.55
N PRO A 94 11.70 17.61 -2.71
CA PRO A 94 12.95 18.21 -3.13
C PRO A 94 13.56 19.08 -2.02
N GLY A 95 14.84 18.90 -1.78
CA GLY A 95 15.52 19.65 -0.77
C GLY A 95 15.64 18.98 0.61
N ASP A 96 14.94 17.87 0.82
CA ASP A 96 15.00 17.16 2.09
C ASP A 96 16.36 16.49 2.28
N VAL A 97 16.87 16.56 3.50
CA VAL A 97 18.07 15.79 3.88
C VAL A 97 17.64 14.89 5.00
N CYS A 98 17.85 13.59 4.80
CA CYS A 98 17.33 12.57 5.71
C CYS A 98 18.40 11.70 6.34
N TYR A 99 18.07 11.18 7.51
CA TYR A 99 18.90 10.31 8.32
C TYR A 99 18.11 9.04 8.54
N PHE A 100 18.74 7.89 8.27
CA PHE A 100 18.19 6.57 8.58
C PHE A 100 19.20 5.78 9.42
N THR A 101 18.70 5.11 10.44
CA THR A 101 19.52 4.16 11.21
C THR A 101 19.24 2.78 10.65
N PHE A 102 20.28 2.06 10.24
CA PHE A 102 20.11 0.68 9.77
C PHE A 102 21.11 -0.22 10.48
N THR A 103 20.94 -1.52 10.33
CA THR A 103 21.98 -2.47 10.73
C THR A 103 22.59 -3.11 9.48
N SER A 104 23.70 -3.80 9.66
CA SER A 104 24.24 -4.70 8.62
C SER A 104 23.18 -5.57 7.87
N ASN A 105 22.21 -6.12 8.61
CA ASN A 105 21.15 -6.99 8.03
C ASN A 105 20.27 -6.24 7.04
N ASP A 106 20.02 -4.96 7.32
CA ASP A 106 19.22 -4.16 6.42
C ASP A 106 19.88 -4.06 5.05
N LEU A 107 21.19 -3.83 5.04
CA LEU A 107 21.84 -3.34 3.82
C LEU A 107 22.55 -4.43 3.03
N LYS A 108 23.14 -5.39 3.75
CA LYS A 108 23.86 -6.47 3.10
C LYS A 108 22.91 -7.59 2.66
N THR A 109 22.13 -7.34 1.60
CA THR A 109 21.16 -8.31 1.05
C THR A 109 21.30 -8.49 -0.48
N PRO A 110 20.81 -9.64 -1.02
CA PRO A 110 20.73 -9.83 -2.48
C PRO A 110 19.94 -8.69 -3.15
N SER A 111 18.73 -8.41 -2.63
CA SER A 111 17.87 -7.28 -3.09
C SER A 111 18.61 -5.96 -3.31
N HIS A 112 19.74 -5.76 -2.60
CA HIS A 112 20.48 -4.49 -2.51
C HIS A 112 21.65 -4.39 -3.47
N GLY A 113 22.36 -5.51 -3.63
CA GLY A 113 23.47 -5.63 -4.56
C GLY A 113 24.57 -4.59 -4.39
N TYR A 114 24.88 -4.23 -3.14
CA TYR A 114 26.16 -3.58 -2.83
C TYR A 114 27.29 -4.59 -3.07
N VAL A 123 27.44 -7.40 12.98
CA VAL A 123 26.23 -6.76 13.53
C VAL A 123 26.51 -5.33 14.01
N GLN A 124 26.63 -4.38 13.08
CA GLN A 124 26.97 -2.98 13.44
C GLN A 124 25.91 -2.00 12.95
N THR A 125 25.83 -0.84 13.58
CA THR A 125 24.84 0.17 13.23
C THR A 125 25.41 1.09 12.17
N ILE A 126 24.61 1.30 11.13
CA ILE A 126 25.03 2.10 9.97
CA ILE A 126 25.03 2.09 9.97
C ILE A 126 24.04 3.24 9.80
N VAL A 127 24.55 4.41 9.44
CA VAL A 127 23.69 5.55 9.17
C VAL A 127 23.75 5.85 7.66
N ASP A 128 22.56 6.03 7.07
CA ASP A 128 22.35 6.45 5.69
C ASP A 128 22.01 7.92 5.79
N LEU A 129 22.85 8.75 5.17
CA LEU A 129 22.55 10.18 5.02
C LEU A 129 22.18 10.52 3.56
N ALA A 130 20.98 11.06 3.38
CA ALA A 130 20.32 11.11 2.07
C ALA A 130 19.90 12.48 1.67
N VAL A 131 20.08 12.80 0.37
CA VAL A 131 19.60 14.04 -0.24
C VAL A 131 18.56 13.71 -1.30
N PHE A 132 17.42 14.39 -1.18
CA PHE A 132 16.34 14.28 -2.18
C PHE A 132 16.38 15.52 -3.02
N TYR A 133 16.61 15.30 -4.31
CA TYR A 133 16.82 16.35 -5.28
C TYR A 133 15.65 16.56 -6.18
N GLY A 134 14.66 15.67 -6.12
CA GLY A 134 13.44 15.78 -6.97
C GLY A 134 12.21 15.35 -6.18
N ARG A 135 11.06 15.27 -6.85
CA ARG A 135 9.80 15.04 -6.18
C ARG A 135 9.20 13.68 -6.54
N ASN A 136 8.04 13.36 -5.98
CA ASN A 136 7.28 12.12 -6.29
C ASN A 136 8.10 10.87 -5.95
N ASN A 137 8.62 10.87 -4.73
CA ASN A 137 9.44 9.81 -4.16
C ASN A 137 8.65 9.09 -3.07
N LEU A 138 8.85 7.78 -2.95
CA LEU A 138 8.29 6.98 -1.87
C LEU A 138 9.37 6.17 -1.16
N LEU A 139 9.49 6.34 0.15
CA LEU A 139 10.45 5.59 0.94
C LEU A 139 9.79 4.26 1.29
N LEU A 140 9.79 3.38 0.31
CA LEU A 140 9.06 2.13 0.38
C LEU A 140 9.84 1.12 -0.45
N ASN A 141 10.12 -0.06 0.12
CA ASN A 141 10.84 -1.07 -0.65
C ASN A 141 10.26 -2.45 -0.41
N GLY A 142 10.72 -3.39 -1.23
CA GLY A 142 10.26 -4.74 -1.19
C GLY A 142 10.94 -5.64 -0.16
N ASP A 143 11.88 -5.11 0.62
CA ASP A 143 12.50 -5.86 1.73
C ASP A 143 11.56 -5.83 2.97
N THR A 144 11.09 -4.64 3.36
CA THR A 144 10.32 -4.45 4.59
C THR A 144 9.09 -3.56 4.47
N GLY A 145 8.90 -2.90 3.33
CA GLY A 145 7.82 -1.92 3.22
C GLY A 145 8.26 -0.49 3.41
N TRP A 146 7.56 0.22 4.26
CA TRP A 146 7.90 1.61 4.50
C TRP A 146 9.21 1.74 5.25
N VAL A 147 10.05 2.68 4.82
CA VAL A 147 11.31 3.00 5.49
CA VAL A 147 11.30 3.00 5.52
C VAL A 147 11.35 4.50 5.79
N PRO A 148 10.71 4.95 6.87
CA PRO A 148 10.72 6.38 7.17
C PRO A 148 12.13 6.93 7.44
N GLY A 149 12.37 8.15 6.95
CA GLY A 149 13.60 8.88 7.23
C GLY A 149 13.34 10.08 8.12
N ASN A 150 14.30 10.38 8.98
CA ASN A 150 14.25 11.57 9.80
C ASN A 150 14.69 12.75 8.93
N VAL A 151 13.78 13.71 8.74
CA VAL A 151 14.09 14.88 7.95
C VAL A 151 14.76 15.92 8.86
N PHE A 152 16.06 16.15 8.65
CA PHE A 152 16.82 16.99 9.56
C PHE A 152 17.45 18.25 8.95
N ALA A 153 17.35 18.40 7.62
CA ALA A 153 17.87 19.61 6.98
C ALA A 153 17.11 19.84 5.73
N THR A 154 17.11 21.11 5.29
CA THR A 154 16.47 21.47 4.06
CA THR A 154 16.42 21.56 4.09
C THR A 154 17.41 22.36 3.24
N ILE A 155 17.64 21.93 2.01
CA ILE A 155 18.57 22.66 1.15
C ILE A 155 17.99 24.01 0.78
N VAL A 156 18.74 25.08 1.04
CA VAL A 156 18.26 26.46 0.84
C VAL A 156 19.05 27.22 -0.28
N GLU A 157 20.17 26.68 -0.71
CA GLU A 157 21.02 27.30 -1.74
CA GLU A 157 20.94 27.30 -1.76
C GLU A 157 21.67 26.20 -2.56
N GLY A 158 21.65 26.36 -3.88
CA GLY A 158 22.28 25.44 -4.81
C GLY A 158 21.51 24.14 -5.06
N LEU A 159 20.21 24.12 -4.81
CA LEU A 159 19.40 22.91 -5.07
C LEU A 159 19.40 22.55 -6.56
N ASP A 160 19.21 23.56 -7.41
CA ASP A 160 19.19 23.31 -8.87
C ASP A 160 20.47 22.66 -9.37
N GLU A 161 21.60 23.20 -8.93
CA GLU A 161 22.92 22.69 -9.31
C GLU A 161 23.13 21.28 -8.76
N MSE A 162 22.73 21.04 -7.52
CA MSE A 162 22.87 19.73 -6.91
C MSE A 162 22.00 18.72 -7.68
O MSE A 162 22.45 17.62 -8.00
CB MSE A 162 22.45 19.76 -5.42
CG MSE A 162 22.59 18.42 -4.73
SE MSE A 162 24.36 17.58 -4.91
CE MSE A 162 25.28 19.01 -4.11
N ALA A 163 20.78 19.12 -8.00
CA ALA A 163 19.87 18.28 -8.75
C ALA A 163 20.48 17.87 -10.09
N ALA A 164 21.10 18.83 -10.77
CA ALA A 164 21.75 18.53 -12.04
C ALA A 164 22.90 17.54 -11.87
N ALA A 165 23.69 17.73 -10.82
CA ALA A 165 24.80 16.81 -10.54
C ALA A 165 24.27 15.40 -10.19
N CYS A 166 23.15 15.32 -9.49
CA CYS A 166 22.58 14.02 -9.13
C CYS A 166 22.08 13.29 -10.36
N GLN A 167 21.49 14.03 -11.31
CA GLN A 167 21.06 13.44 -12.58
C GLN A 167 22.29 12.91 -13.31
N ASP A 168 23.41 13.62 -13.19
CA ASP A 168 24.66 13.17 -13.78
C ASP A 168 25.27 11.97 -13.09
N ILE A 169 25.01 11.82 -11.79
CA ILE A 169 25.37 10.55 -11.09
C ILE A 169 24.50 9.39 -11.60
N TRP A 170 23.23 9.67 -11.83
CA TRP A 170 22.29 8.67 -12.35
C TRP A 170 22.75 8.16 -13.71
N MSE A 171 23.10 9.07 -14.63
CA MSE A 171 23.48 8.70 -15.99
C MSE A 171 24.96 8.40 -16.11
O MSE A 171 25.34 7.58 -16.92
CB MSE A 171 23.13 9.83 -16.96
CG MSE A 171 21.66 10.14 -17.10
SE MSE A 171 20.57 8.60 -17.60
CE MSE A 171 21.63 8.03 -19.14
N GLY A 172 25.80 9.09 -15.35
CA GLY A 172 27.25 9.02 -15.53
C GLY A 172 28.02 8.27 -14.45
N GLY A 173 27.32 7.79 -13.43
CA GLY A 173 27.92 6.90 -12.44
C GLY A 173 28.40 7.61 -11.20
N ALA A 174 28.74 6.78 -10.20
CA ALA A 174 29.20 7.22 -8.89
C ALA A 174 30.66 6.88 -8.64
N ARG A 175 31.37 6.36 -9.64
CA ARG A 175 32.77 5.93 -9.45
C ARG A 175 33.60 7.10 -8.97
N ASP A 176 34.38 6.86 -7.91
CA ASP A 176 35.26 7.87 -7.36
C ASP A 176 34.55 9.13 -6.92
N GLU A 177 33.23 9.06 -6.73
CA GLU A 177 32.49 10.22 -6.25
C GLU A 177 32.19 10.03 -4.76
N THR A 178 32.33 11.10 -3.99
CA THR A 178 32.17 11.09 -2.55
C THR A 178 31.18 12.16 -2.17
N LEU A 179 30.25 11.83 -1.28
CA LEU A 179 29.26 12.80 -0.76
C LEU A 179 29.71 13.22 0.63
N THR A 180 29.90 14.52 0.83
CA THR A 180 30.44 15.02 2.09
C THR A 180 29.53 16.04 2.74
N PHE A 181 29.20 15.79 4.01
CA PHE A 181 28.46 16.73 4.84
C PHE A 181 29.45 17.45 5.79
N SER A 182 29.37 18.77 5.84
CA SER A 182 30.29 19.59 6.63
C SER A 182 29.58 20.80 7.23
N ARG A 183 30.12 21.33 8.32
CA ARG A 183 29.59 22.54 8.92
C ARG A 183 29.84 23.74 8.02
N ALA A 184 28.83 24.56 7.78
CA ALA A 184 28.99 25.80 7.02
C ALA A 184 29.37 26.91 8.01
N GLU A 185 30.42 27.65 7.67
CA GLU A 185 31.05 28.68 8.56
C GLU A 185 30.22 29.95 8.66
N MSE B 20 6.47 -24.06 -30.90
CA MSE B 20 7.91 -24.16 -30.55
C MSE B 20 8.32 -22.93 -29.73
O MSE B 20 7.90 -21.79 -30.01
CB MSE B 20 8.77 -24.29 -31.81
N ALA B 21 9.16 -23.16 -28.70
CA ALA B 21 9.71 -22.09 -27.87
C ALA B 21 10.50 -21.09 -28.72
N ARG B 22 10.30 -19.80 -28.51
CA ARG B 22 11.12 -18.79 -29.16
C ARG B 22 11.90 -18.03 -28.11
N TYR B 23 13.10 -17.57 -28.48
CA TYR B 23 14.03 -16.95 -27.54
C TYR B 23 14.49 -15.62 -28.09
N ILE B 24 14.70 -14.67 -27.19
CA ILE B 24 15.29 -13.40 -27.53
C ILE B 24 16.63 -13.21 -26.80
N ASN B 25 17.54 -12.47 -27.43
CA ASN B 25 18.78 -12.05 -26.78
C ASN B 25 18.59 -10.62 -26.28
N ILE B 26 19.16 -10.34 -25.11
CA ILE B 26 19.11 -9.05 -24.48
C ILE B 26 20.54 -8.70 -24.20
N THR B 27 20.99 -7.61 -24.82
CA THR B 27 22.40 -7.25 -24.89
C THR B 27 22.64 -5.81 -24.48
N LEU B 28 23.66 -5.62 -23.65
CA LEU B 28 24.26 -4.31 -23.40
C LEU B 28 25.44 -4.17 -24.39
N GLU B 29 25.31 -3.25 -25.34
CA GLU B 29 26.26 -3.17 -26.46
CA GLU B 29 26.25 -3.21 -26.45
C GLU B 29 27.66 -2.75 -26.07
N LYS B 30 27.77 -1.79 -25.12
CA LYS B 30 29.08 -1.26 -24.75
C LYS B 30 29.81 -2.25 -23.85
N ARG B 31 29.16 -2.67 -22.77
CA ARG B 31 29.73 -3.69 -21.90
C ARG B 31 29.91 -5.04 -22.59
N GLY B 32 29.19 -5.29 -23.67
CA GLY B 32 29.31 -6.58 -24.38
C GLY B 32 28.77 -7.77 -23.60
N VAL B 33 27.66 -7.55 -22.88
CA VAL B 33 27.05 -8.58 -22.06
C VAL B 33 25.68 -8.91 -22.65
N THR B 34 25.42 -10.19 -22.88
CA THR B 34 24.18 -10.68 -23.48
C THR B 34 23.59 -11.78 -22.59
N CYS B 35 22.28 -11.85 -22.46
CA CYS B 35 21.59 -12.99 -21.84
C CYS B 35 20.47 -13.41 -22.80
N LYS B 36 19.88 -14.56 -22.54
CA LYS B 36 18.84 -15.12 -23.39
C LYS B 36 17.57 -15.37 -22.59
N ALA B 37 16.44 -15.01 -23.19
CA ALA B 37 15.15 -15.06 -22.52
C ALA B 37 14.16 -15.88 -23.36
N LEU B 38 13.40 -16.73 -22.67
CA LEU B 38 12.25 -17.40 -23.27
C LEU B 38 11.12 -16.41 -23.47
N LEU B 39 10.60 -16.31 -24.69
CA LEU B 39 9.45 -15.46 -24.98
C LEU B 39 8.17 -16.17 -24.50
N LEU B 40 7.34 -15.50 -23.71
CA LEU B 40 6.17 -16.14 -23.09
C LEU B 40 4.96 -16.10 -24.00
N ASP B 41 5.06 -16.81 -25.13
CA ASP B 41 4.00 -16.88 -26.13
C ASP B 41 2.71 -17.53 -25.58
N ASP B 42 2.85 -18.42 -24.58
CA ASP B 42 1.69 -19.04 -23.92
C ASP B 42 0.87 -18.11 -23.05
N VAL B 43 1.51 -17.41 -22.13
CA VAL B 43 0.79 -16.57 -21.18
C VAL B 43 0.75 -15.09 -21.54
N ALA B 44 1.63 -14.63 -22.43
CA ALA B 44 1.55 -13.24 -22.92
C ALA B 44 1.62 -13.23 -24.45
N PRO B 45 0.62 -13.81 -25.11
CA PRO B 45 0.76 -13.92 -26.57
C PRO B 45 0.78 -12.57 -27.30
N ARG B 46 -0.07 -11.64 -26.90
CA ARG B 46 -0.15 -10.37 -27.61
C ARG B 46 1.11 -9.53 -27.45
N THR B 47 1.66 -9.51 -26.25
CA THR B 47 2.86 -8.71 -26.01
C THR B 47 4.07 -9.35 -26.71
N SER B 48 4.18 -10.67 -26.59
CA SER B 48 5.25 -11.45 -27.21
C SER B 48 5.29 -11.25 -28.73
N LYS B 49 4.14 -11.30 -29.36
CA LYS B 49 4.02 -11.10 -30.81
C LYS B 49 4.42 -9.66 -31.18
N ALA B 50 3.87 -8.70 -30.46
CA ALA B 50 4.18 -7.28 -30.67
C ALA B 50 5.68 -6.98 -30.65
N VAL B 51 6.36 -7.52 -29.64
CA VAL B 51 7.80 -7.36 -29.52
C VAL B 51 8.53 -8.14 -30.62
N TRP B 52 8.24 -9.43 -30.73
CA TRP B 52 8.97 -10.27 -31.65
C TRP B 52 8.94 -9.71 -33.07
N ASP B 53 7.74 -9.34 -33.51
CA ASP B 53 7.55 -8.83 -34.88
C ASP B 53 8.33 -7.52 -35.16
N ALA B 54 8.69 -6.78 -34.10
CA ALA B 54 9.37 -5.49 -34.25
C ALA B 54 10.89 -5.51 -33.97
N LEU B 55 11.42 -6.68 -33.64
CA LEU B 55 12.82 -6.78 -33.31
C LEU B 55 13.71 -6.65 -34.57
N PRO B 56 14.94 -6.13 -34.37
CA PRO B 56 15.44 -5.69 -33.06
C PRO B 56 14.92 -4.35 -32.58
N GLN B 57 14.88 -4.16 -31.26
CA GLN B 57 14.64 -2.83 -30.67
C GLN B 57 15.78 -2.46 -29.77
N SER B 58 16.30 -1.26 -29.95
CA SER B 58 17.59 -0.89 -29.34
C SER B 58 17.61 0.59 -29.03
N SER B 59 18.01 0.95 -27.82
CA SER B 59 18.03 2.35 -27.40
C SER B 59 18.83 2.51 -26.12
N GLN B 60 19.13 3.76 -25.80
CA GLN B 60 19.81 4.19 -24.59
C GLN B 60 19.27 3.45 -23.37
N VAL B 61 20.15 2.75 -22.63
CA VAL B 61 19.76 2.13 -21.35
C VAL B 61 19.66 3.12 -20.17
N PHE B 62 18.73 2.80 -19.25
CA PHE B 62 18.55 3.55 -18.01
C PHE B 62 18.48 2.56 -16.87
N HIS B 63 19.01 2.93 -15.70
CA HIS B 63 18.73 2.19 -14.46
C HIS B 63 17.46 2.74 -13.82
N GLY B 64 16.59 1.85 -13.34
CA GLY B 64 15.43 2.34 -12.58
C GLY B 64 15.82 3.12 -11.33
N LYS B 65 15.02 4.14 -11.02
CA LYS B 65 15.14 4.93 -9.80
C LYS B 65 14.08 4.53 -8.74
N TYR B 66 12.99 3.88 -9.16
CA TYR B 66 11.93 3.44 -8.23
C TYR B 66 11.64 1.94 -8.18
N ALA B 67 11.76 1.23 -9.30
CA ALA B 67 11.39 -0.19 -9.38
C ALA B 67 12.56 -1.10 -8.98
N ARG B 68 13.62 -0.45 -8.53
CA ARG B 68 14.75 -1.05 -7.85
C ARG B 68 15.73 -1.81 -8.77
N ASN B 69 15.67 -3.14 -8.82
CA ASN B 69 16.64 -3.92 -9.56
C ASN B 69 16.24 -4.06 -11.02
N GLU B 70 16.30 -2.93 -11.73
CA GLU B 70 15.72 -2.78 -13.05
C GLU B 70 16.67 -1.96 -13.93
N ILE B 71 16.84 -2.42 -15.16
CA ILE B 71 17.29 -1.53 -16.28
C ILE B 71 16.22 -1.53 -17.34
N TYR B 72 16.21 -0.50 -18.17
CA TYR B 72 15.24 -0.45 -19.22
C TYR B 72 15.69 0.44 -20.38
N ASN B 73 14.96 0.37 -21.48
CA ASN B 73 15.07 1.41 -22.50
C ASN B 73 13.69 1.94 -22.86
N LEU B 74 13.66 2.99 -23.68
CA LEU B 74 12.44 3.63 -24.10
C LEU B 74 12.47 3.75 -25.60
N VAL B 75 11.40 3.29 -26.25
CA VAL B 75 11.33 3.28 -27.72
C VAL B 75 9.95 3.73 -28.18
N PRO B 76 9.88 4.41 -29.33
CA PRO B 76 8.57 4.73 -29.88
C PRO B 76 7.75 3.47 -30.08
N ALA B 77 6.44 3.56 -29.90
CA ALA B 77 5.59 2.39 -30.08
C ALA B 77 5.84 1.77 -31.46
N PHE B 78 5.86 0.44 -31.48
CA PHE B 78 6.19 -0.33 -32.67
C PHE B 78 5.10 -1.23 -33.18
N ALA B 79 4.19 -1.64 -32.31
CA ALA B 79 3.15 -2.60 -32.70
C ALA B 79 2.03 -1.91 -33.47
N PRO B 80 1.33 -2.65 -34.33
CA PRO B 80 0.16 -2.03 -34.96
C PRO B 80 -0.88 -1.58 -33.94
N LYS B 81 -1.00 -2.33 -32.85
CA LYS B 81 -1.83 -1.91 -31.75
C LYS B 81 -1.24 -2.42 -30.45
N GLU B 82 -1.34 -1.60 -29.43
CA GLU B 82 -0.78 -1.91 -28.12
C GLU B 82 -1.45 -3.15 -27.54
N PRO B 83 -0.70 -3.98 -26.78
CA PRO B 83 -1.28 -5.24 -26.32
C PRO B 83 -2.34 -5.07 -25.25
N GLY B 84 -2.31 -3.96 -24.53
CA GLY B 84 -3.13 -3.81 -23.34
C GLY B 84 -2.56 -4.66 -22.21
N ALA B 85 -3.23 -4.64 -21.07
CA ALA B 85 -2.81 -5.40 -19.89
C ALA B 85 -2.78 -6.89 -20.22
N GLU B 86 -1.65 -7.52 -19.96
CA GLU B 86 -1.49 -8.91 -20.22
C GLU B 86 -0.37 -9.47 -19.36
N ASN B 87 -0.67 -10.53 -18.61
CA ASN B 87 0.28 -11.17 -17.75
C ASN B 87 1.02 -10.15 -16.85
N THR B 88 0.28 -9.25 -16.24
CA THR B 88 0.90 -8.13 -15.53
C THR B 88 1.41 -8.48 -14.13
N THR B 89 2.40 -7.71 -13.70
CA THR B 89 2.88 -7.76 -12.33
C THR B 89 3.14 -6.37 -11.83
N VAL B 90 3.02 -6.16 -10.50
CA VAL B 90 3.62 -5.00 -9.84
C VAL B 90 4.73 -5.45 -8.85
N THR B 91 5.02 -6.74 -8.87
CA THR B 91 6.06 -7.36 -8.06
C THR B 91 7.01 -8.14 -8.97
N PRO B 92 7.76 -7.44 -9.81
CA PRO B 92 8.57 -8.19 -10.79
C PRO B 92 9.74 -8.93 -10.09
N ILE B 93 10.12 -10.08 -10.63
CA ILE B 93 11.10 -10.96 -10.00
C ILE B 93 12.35 -11.09 -10.87
N PRO B 94 13.45 -11.65 -10.30
CA PRO B 94 14.66 -11.77 -11.09
C PRO B 94 14.39 -12.55 -12.37
N GLY B 95 14.84 -11.99 -13.49
CA GLY B 95 14.69 -12.64 -14.80
C GLY B 95 13.50 -12.19 -15.61
N ASP B 96 12.59 -11.43 -15.00
CA ASP B 96 11.42 -10.88 -15.71
C ASP B 96 11.85 -9.84 -16.73
N VAL B 97 11.23 -9.91 -17.90
CA VAL B 97 11.32 -8.88 -18.90
C VAL B 97 9.92 -8.36 -19.08
N CYS B 98 9.75 -7.04 -18.92
CA CYS B 98 8.47 -6.42 -18.90
C CYS B 98 8.30 -5.38 -20.03
N TYR B 99 7.04 -5.20 -20.40
CA TYR B 99 6.58 -4.19 -21.36
C TYR B 99 5.56 -3.25 -20.69
N PHE B 100 5.80 -1.94 -20.86
CA PHE B 100 4.90 -0.90 -20.43
C PHE B 100 4.58 0.03 -21.59
N THR B 101 3.30 0.39 -21.76
CA THR B 101 2.86 1.41 -22.71
C THR B 101 2.67 2.70 -21.94
N PHE B 102 3.36 3.76 -22.36
CA PHE B 102 3.28 5.07 -21.74
C PHE B 102 2.93 6.11 -22.80
N THR B 103 2.53 7.28 -22.35
CA THR B 103 2.46 8.44 -23.19
C THR B 103 3.62 9.35 -22.79
N SER B 104 3.90 10.37 -23.61
CA SER B 104 4.94 11.35 -23.28
C SER B 104 4.70 12.00 -21.90
N ASN B 105 3.42 12.23 -21.57
CA ASN B 105 3.02 12.81 -20.27
C ASN B 105 3.49 12.00 -19.06
N ASP B 106 3.47 10.68 -19.21
CA ASP B 106 3.93 9.76 -18.17
C ASP B 106 5.41 9.91 -17.88
N LEU B 107 6.20 10.21 -18.91
CA LEU B 107 7.65 10.06 -18.84
C LEU B 107 8.37 11.41 -18.87
N LYS B 108 7.89 12.34 -19.70
CA LYS B 108 8.48 13.68 -19.77
C LYS B 108 8.02 14.52 -18.57
N THR B 109 8.39 14.07 -17.36
CA THR B 109 8.05 14.77 -16.09
C THR B 109 9.30 15.25 -15.30
N PRO B 110 9.14 16.33 -14.50
CA PRO B 110 10.19 16.72 -13.55
C PRO B 110 10.61 15.57 -12.63
N SER B 111 9.62 14.86 -12.07
CA SER B 111 9.82 13.69 -11.16
C SER B 111 10.81 12.65 -11.69
N HIS B 112 10.92 12.53 -13.03
CA HIS B 112 11.87 11.64 -13.71
C HIS B 112 13.25 12.31 -13.84
N VAL B 123 -0.01 13.71 -27.69
CA VAL B 123 0.96 12.82 -27.03
C VAL B 123 1.42 11.69 -27.96
N GLN B 124 2.70 11.31 -27.82
CA GLN B 124 3.26 10.12 -28.45
C GLN B 124 3.14 8.91 -27.54
N THR B 125 3.02 7.71 -28.13
CA THR B 125 3.00 6.46 -27.38
C THR B 125 4.42 5.90 -27.36
N ILE B 126 4.91 5.62 -26.16
CA ILE B 126 6.27 5.18 -25.94
C ILE B 126 6.19 3.84 -25.24
N VAL B 127 7.09 2.95 -25.58
CA VAL B 127 7.18 1.66 -24.90
C VAL B 127 8.45 1.58 -24.06
N ASP B 128 8.31 1.09 -22.83
CA ASP B 128 9.44 0.89 -21.92
C ASP B 128 9.58 -0.62 -21.94
N LEU B 129 10.77 -1.08 -22.32
CA LEU B 129 11.16 -2.50 -22.20
C LEU B 129 12.19 -2.65 -21.06
N ALA B 130 11.82 -3.41 -20.04
CA ALA B 130 12.56 -3.47 -18.79
C ALA B 130 13.05 -4.88 -18.47
N VAL B 131 14.25 -4.94 -17.87
CA VAL B 131 14.84 -6.17 -17.41
C VAL B 131 14.99 -6.04 -15.88
N PHE B 132 14.44 -7.01 -15.14
CA PHE B 132 14.66 -7.11 -13.71
C PHE B 132 15.74 -8.15 -13.42
N TYR B 133 16.80 -7.66 -12.77
CA TYR B 133 17.94 -8.48 -12.50
C TYR B 133 18.11 -8.92 -11.06
N GLY B 134 17.25 -8.43 -10.18
CA GLY B 134 17.23 -8.77 -8.72
C GLY B 134 15.80 -8.82 -8.22
N ARG B 135 15.66 -9.03 -6.92
CA ARG B 135 14.35 -9.24 -6.29
C ARG B 135 13.93 -8.06 -5.35
N ASN B 136 12.78 -8.21 -4.67
CA ASN B 136 12.28 -7.19 -3.74
C ASN B 136 12.07 -5.80 -4.41
N ASN B 137 11.42 -5.88 -5.58
CA ASN B 137 11.02 -4.74 -6.42
C ASN B 137 9.54 -4.49 -6.37
N LEU B 138 9.17 -3.20 -6.39
CA LEU B 138 7.78 -2.78 -6.44
C LEU B 138 7.58 -1.81 -7.60
N LEU B 139 6.63 -2.13 -8.48
CA LEU B 139 6.34 -1.25 -9.59
C LEU B 139 5.32 -0.24 -9.12
N LEU B 140 5.82 0.77 -8.41
CA LEU B 140 4.99 1.75 -7.70
C LEU B 140 5.76 3.05 -7.68
N ASN B 141 5.11 4.16 -8.00
CA ASN B 141 5.81 5.43 -7.97
C ASN B 141 4.92 6.56 -7.48
N GLY B 142 5.54 7.70 -7.23
CA GLY B 142 4.85 8.83 -6.67
C GLY B 142 4.19 9.73 -7.73
N ASP B 143 4.27 9.33 -8.98
CA ASP B 143 3.50 10.05 -10.04
C ASP B 143 2.05 9.55 -10.08
N THR B 144 1.88 8.24 -10.06
CA THR B 144 0.57 7.63 -10.31
CA THR B 144 0.57 7.63 -10.31
C THR B 144 0.18 6.46 -9.40
N GLY B 145 1.10 6.00 -8.56
CA GLY B 145 0.88 4.81 -7.78
C GLY B 145 1.42 3.58 -8.49
N TRP B 146 0.61 2.54 -8.57
CA TRP B 146 1.06 1.30 -9.16
C TRP B 146 1.17 1.41 -10.67
N VAL B 147 2.22 0.83 -11.22
CA VAL B 147 2.49 0.83 -12.67
CA VAL B 147 2.44 0.84 -12.68
C VAL B 147 2.76 -0.58 -13.14
N PRO B 148 1.69 -1.35 -13.41
CA PRO B 148 1.90 -2.75 -13.81
C PRO B 148 2.62 -2.89 -15.15
N GLY B 149 3.45 -3.89 -15.24
CA GLY B 149 4.16 -4.19 -16.46
C GLY B 149 3.70 -5.54 -16.96
N ASN B 150 3.57 -5.68 -18.28
CA ASN B 150 3.31 -6.98 -18.92
C ASN B 150 4.56 -7.83 -18.88
N VAL B 151 4.51 -8.98 -18.23
CA VAL B 151 5.68 -9.87 -18.20
C VAL B 151 5.63 -10.72 -19.46
N PHE B 152 6.58 -10.53 -20.38
CA PHE B 152 6.51 -11.22 -21.66
C PHE B 152 7.70 -12.13 -21.94
N ALA B 153 8.73 -12.09 -21.11
CA ALA B 153 9.85 -13.04 -21.27
C ALA B 153 10.54 -13.30 -19.93
N THR B 154 11.23 -14.43 -19.85
CA THR B 154 11.96 -14.80 -18.66
CA THR B 154 11.93 -14.89 -18.67
C THR B 154 13.38 -15.24 -19.04
N ILE B 155 14.37 -14.62 -18.39
CA ILE B 155 15.76 -14.84 -18.73
C ILE B 155 16.11 -16.27 -18.29
N VAL B 156 16.62 -17.08 -19.21
CA VAL B 156 16.93 -18.48 -18.93
C VAL B 156 18.44 -18.78 -18.94
N GLU B 157 19.24 -17.87 -19.50
CA GLU B 157 20.70 -18.01 -19.51
C GLU B 157 21.34 -16.67 -19.37
N GLY B 158 22.41 -16.61 -18.59
CA GLY B 158 23.21 -15.39 -18.46
C GLY B 158 22.69 -14.38 -17.43
N LEU B 159 21.72 -14.77 -16.59
CA LEU B 159 21.14 -13.84 -15.60
C LEU B 159 22.24 -13.30 -14.65
N ASP B 160 23.10 -14.17 -14.15
CA ASP B 160 24.14 -13.71 -13.22
C ASP B 160 25.03 -12.66 -13.87
N GLU B 161 25.44 -12.93 -15.09
CA GLU B 161 26.31 -11.99 -15.83
C GLU B 161 25.58 -10.68 -16.12
N MSE B 162 24.31 -10.78 -16.51
CA MSE B 162 23.53 -9.57 -16.77
C MSE B 162 23.37 -8.74 -15.49
O MSE B 162 23.52 -7.53 -15.50
CB MSE B 162 22.17 -9.93 -17.36
CG MSE B 162 21.30 -8.71 -17.71
SE MSE B 162 22.15 -7.38 -18.81
CE MSE B 162 22.36 -8.60 -20.24
N ALA B 163 23.14 -9.41 -14.36
CA ALA B 163 22.94 -8.69 -13.08
C ALA B 163 24.21 -7.95 -12.67
N ALA B 164 25.38 -8.59 -12.82
CA ALA B 164 26.65 -7.91 -12.51
C ALA B 164 26.79 -6.69 -13.42
N ALA B 165 26.44 -6.83 -14.70
CA ALA B 165 26.53 -5.70 -15.63
C ALA B 165 25.56 -4.58 -15.24
N CYS B 166 24.37 -4.93 -14.72
CA CYS B 166 23.41 -3.91 -14.29
C CYS B 166 23.88 -3.19 -13.04
N GLN B 167 24.56 -3.91 -12.13
CA GLN B 167 25.14 -3.27 -10.96
C GLN B 167 26.22 -2.31 -11.40
N ASP B 168 26.95 -2.68 -12.45
CA ASP B 168 27.95 -1.78 -13.01
C ASP B 168 27.35 -0.54 -13.68
N ILE B 169 26.14 -0.66 -14.23
CA ILE B 169 25.43 0.52 -14.77
C ILE B 169 25.00 1.41 -13.63
N TRP B 170 24.51 0.80 -12.55
CA TRP B 170 24.12 1.55 -11.34
C TRP B 170 25.28 2.39 -10.77
N MSE B 171 26.45 1.77 -10.64
CA MSE B 171 27.64 2.39 -10.03
C MSE B 171 28.50 3.19 -11.03
O MSE B 171 29.11 4.19 -10.68
CB MSE B 171 28.54 1.32 -9.38
CG MSE B 171 27.92 0.65 -8.14
SE MSE B 171 27.27 1.96 -6.77
CE MSE B 171 29.00 2.64 -6.47
N GLY B 172 28.52 2.71 -12.26
CA GLY B 172 29.45 3.18 -13.31
C GLY B 172 28.78 3.98 -14.41
N GLY B 173 27.45 4.10 -14.38
CA GLY B 173 26.71 4.94 -15.30
C GLY B 173 26.24 4.22 -16.57
N ALA B 174 25.43 4.93 -17.34
CA ALA B 174 24.78 4.43 -18.55
C ALA B 174 25.27 5.16 -19.82
N ARG B 175 26.25 6.05 -19.69
CA ARG B 175 26.76 6.83 -20.82
C ARG B 175 27.22 5.92 -21.95
N ASP B 176 26.72 6.21 -23.15
CA ASP B 176 27.09 5.45 -24.34
C ASP B 176 26.72 3.97 -24.26
N GLU B 177 25.80 3.62 -23.37
CA GLU B 177 25.40 2.24 -23.21
C GLU B 177 24.01 2.08 -23.84
N THR B 178 23.84 0.97 -24.54
CA THR B 178 22.67 0.70 -25.34
C THR B 178 22.10 -0.67 -24.99
N LEU B 179 20.80 -0.71 -24.71
CA LEU B 179 20.11 -1.97 -24.44
C LEU B 179 19.39 -2.44 -25.71
N THR B 180 19.72 -3.64 -26.16
CA THR B 180 19.21 -4.21 -27.43
C THR B 180 18.47 -5.50 -27.25
N PHE B 181 17.23 -5.53 -27.73
CA PHE B 181 16.45 -6.77 -27.77
C PHE B 181 16.46 -7.25 -29.20
N SER B 182 16.82 -8.52 -29.38
CA SER B 182 16.93 -9.16 -30.70
C SER B 182 16.45 -10.61 -30.70
N ARG B 183 16.13 -11.15 -31.86
CA ARG B 183 15.76 -12.56 -31.97
C ARG B 183 16.98 -13.44 -31.79
N ALA B 184 16.83 -14.52 -31.03
CA ALA B 184 17.88 -15.51 -30.95
C ALA B 184 17.70 -16.37 -32.20
N GLU B 185 18.80 -16.56 -32.92
CA GLU B 185 18.87 -17.26 -34.24
C GLU B 185 18.21 -18.63 -34.23
N GLU C 13 -36.70 8.83 -4.29
CA GLU C 13 -35.28 9.29 -4.42
C GLU C 13 -34.45 8.35 -5.32
N ASN C 14 -34.64 7.03 -5.19
CA ASN C 14 -33.79 6.03 -5.90
C ASN C 14 -33.79 6.12 -7.42
N LEU C 15 -32.65 5.81 -8.01
CA LEU C 15 -32.51 5.96 -9.46
C LEU C 15 -33.54 5.03 -10.14
N TYR C 16 -33.51 3.74 -9.82
CA TYR C 16 -34.36 2.76 -10.52
C TYR C 16 -35.50 2.30 -9.63
N PHE C 17 -35.23 1.34 -8.74
CA PHE C 17 -36.32 0.75 -7.97
C PHE C 17 -36.59 1.59 -6.75
N GLN C 18 -37.84 2.00 -6.63
CA GLN C 18 -38.26 3.00 -5.66
C GLN C 18 -39.29 2.44 -4.69
N GLY C 19 -39.43 1.13 -4.67
CA GLY C 19 -40.35 0.50 -3.76
C GLY C 19 -39.68 0.21 -2.44
N MSE C 20 -40.24 -0.74 -1.74
CA MSE C 20 -39.68 -1.17 -0.49
C MSE C 20 -38.35 -1.88 -0.76
O MSE C 20 -38.13 -2.37 -1.84
CB MSE C 20 -40.63 -2.14 0.19
CG MSE C 20 -42.06 -1.62 0.23
SE MSE C 20 -43.05 -2.21 1.77
CE MSE C 20 -42.55 -4.12 1.66
N ALA C 21 -37.49 -1.94 0.25
CA ALA C 21 -36.21 -2.59 0.10
C ALA C 21 -36.37 -3.95 -0.63
N ARG C 22 -35.47 -4.23 -1.57
CA ARG C 22 -35.34 -5.57 -2.18
C ARG C 22 -34.17 -6.35 -1.58
N TYR C 23 -34.28 -7.68 -1.60
CA TYR C 23 -33.30 -8.57 -1.01
C TYR C 23 -32.91 -9.72 -1.94
N ILE C 24 -31.66 -10.14 -1.79
CA ILE C 24 -31.10 -11.29 -2.49
C ILE C 24 -30.69 -12.37 -1.48
N ASN C 25 -30.93 -13.62 -1.85
CA ASN C 25 -30.41 -14.75 -1.12
C ASN C 25 -29.08 -15.13 -1.73
N ILE C 26 -28.16 -15.53 -0.88
CA ILE C 26 -26.81 -15.90 -1.29
C ILE C 26 -26.58 -17.28 -0.67
N THR C 27 -26.38 -18.28 -1.53
CA THR C 27 -26.46 -19.65 -1.12
C THR C 27 -25.25 -20.47 -1.51
N LEU C 28 -24.73 -21.24 -0.57
CA LEU C 28 -23.78 -22.31 -0.87
C LEU C 28 -24.58 -23.61 -1.00
N GLU C 29 -24.66 -24.14 -2.22
CA GLU C 29 -25.60 -25.23 -2.56
C GLU C 29 -25.28 -26.59 -1.93
N LYS C 30 -24.00 -26.94 -1.87
CA LYS C 30 -23.58 -28.20 -1.29
C LYS C 30 -23.67 -28.17 0.23
N ARG C 31 -23.12 -27.13 0.86
CA ARG C 31 -23.24 -27.00 2.29
C ARG C 31 -24.67 -26.67 2.72
N GLY C 32 -25.43 -26.10 1.79
CA GLY C 32 -26.80 -25.72 2.05
C GLY C 32 -26.97 -24.59 3.07
N VAL C 33 -26.17 -23.54 2.95
CA VAL C 33 -26.22 -22.41 3.86
C VAL C 33 -26.61 -21.20 3.04
N THR C 34 -27.59 -20.45 3.48
CA THR C 34 -28.03 -19.25 2.79
C THR C 34 -28.03 -18.11 3.75
N CYS C 35 -27.65 -16.93 3.26
CA CYS C 35 -27.89 -15.69 3.97
C CYS C 35 -28.61 -14.72 3.04
N LYS C 36 -29.08 -13.62 3.61
CA LYS C 36 -29.89 -12.69 2.93
C LYS C 36 -29.29 -11.30 3.04
N ALA C 37 -29.27 -10.59 1.91
CA ALA C 37 -28.61 -9.29 1.82
C ALA C 37 -29.54 -8.26 1.21
N LEU C 38 -29.54 -7.07 1.81
CA LEU C 38 -30.22 -5.90 1.27
C LEU C 38 -29.50 -5.42 0.00
N LEU C 39 -30.30 -5.25 -1.06
CA LEU C 39 -29.82 -4.70 -2.30
C LEU C 39 -29.73 -3.19 -2.22
N LEU C 40 -28.56 -2.67 -2.55
CA LEU C 40 -28.32 -1.25 -2.38
C LEU C 40 -28.77 -0.42 -3.59
N ASP C 41 -30.07 -0.43 -3.81
CA ASP C 41 -30.69 0.34 -4.88
C ASP C 41 -30.46 1.84 -4.73
N ASP C 42 -30.23 2.29 -3.51
CA ASP C 42 -29.99 3.72 -3.27
C ASP C 42 -28.62 4.18 -3.68
N VAL C 43 -27.57 3.52 -3.19
CA VAL C 43 -26.19 4.02 -3.40
C VAL C 43 -25.43 3.24 -4.48
N ALA C 44 -25.92 2.08 -4.88
CA ALA C 44 -25.38 1.41 -6.04
C ALA C 44 -26.47 1.06 -7.06
N PRO C 45 -27.18 2.06 -7.62
CA PRO C 45 -28.32 1.72 -8.49
C PRO C 45 -28.00 0.91 -9.76
N ARG C 46 -26.92 1.24 -10.46
CA ARG C 46 -26.64 0.57 -11.73
C ARG C 46 -26.23 -0.86 -11.49
N THR C 47 -25.36 -1.07 -10.48
CA THR C 47 -24.83 -2.42 -10.20
C THR C 47 -25.98 -3.28 -9.68
N SER C 48 -26.81 -2.70 -8.80
CA SER C 48 -27.95 -3.44 -8.24
C SER C 48 -28.90 -3.90 -9.34
N LYS C 49 -29.19 -3.03 -10.31
CA LYS C 49 -30.12 -3.38 -11.38
CA LYS C 49 -30.12 -3.38 -11.36
C LYS C 49 -29.50 -4.40 -12.32
N ALA C 50 -28.24 -4.23 -12.67
CA ALA C 50 -27.54 -5.18 -13.55
C ALA C 50 -27.58 -6.58 -12.95
N VAL C 51 -27.28 -6.69 -11.67
CA VAL C 51 -27.31 -7.99 -11.01
C VAL C 51 -28.75 -8.49 -10.88
N TRP C 52 -29.62 -7.67 -10.34
CA TRP C 52 -31.00 -8.12 -10.11
C TRP C 52 -31.65 -8.67 -11.37
N ASP C 53 -31.55 -7.89 -12.46
CA ASP C 53 -32.12 -8.28 -13.76
C ASP C 53 -31.62 -9.64 -14.27
N ALA C 54 -30.42 -10.03 -13.84
CA ALA C 54 -29.74 -11.25 -14.30
C ALA C 54 -29.85 -12.47 -13.35
N LEU C 55 -30.46 -12.30 -12.19
CA LEU C 55 -30.57 -13.38 -11.23
C LEU C 55 -31.53 -14.49 -11.72
N PRO C 56 -31.24 -15.75 -11.37
CA PRO C 56 -30.11 -16.17 -10.53
C PRO C 56 -28.78 -16.25 -11.29
N GLN C 57 -27.70 -16.06 -10.55
CA GLN C 57 -26.35 -16.28 -11.05
C GLN C 57 -25.62 -17.27 -10.11
N SER C 58 -25.08 -18.34 -10.68
CA SER C 58 -24.68 -19.49 -9.90
C SER C 58 -23.45 -20.05 -10.57
N SER C 59 -22.38 -20.25 -9.80
CA SER C 59 -21.17 -20.86 -10.33
C SER C 59 -20.28 -21.40 -9.22
N GLN C 60 -19.29 -22.20 -9.61
CA GLN C 60 -18.24 -22.71 -8.73
C GLN C 60 -17.78 -21.62 -7.75
N VAL C 61 -17.72 -21.93 -6.47
CA VAL C 61 -17.21 -20.96 -5.51
C VAL C 61 -15.64 -21.05 -5.38
N PHE C 62 -15.02 -19.94 -5.01
CA PHE C 62 -13.60 -19.87 -4.73
C PHE C 62 -13.40 -19.12 -3.44
N HIS C 63 -12.42 -19.52 -2.66
CA HIS C 63 -11.94 -18.66 -1.56
C HIS C 63 -10.86 -17.72 -2.07
N GLY C 64 -10.92 -16.47 -1.61
CA GLY C 64 -9.93 -15.46 -1.95
C GLY C 64 -8.56 -15.89 -1.49
N LYS C 65 -7.53 -15.55 -2.28
CA LYS C 65 -6.12 -15.79 -1.90
C LYS C 65 -5.40 -14.48 -1.48
N TYR C 66 -5.93 -13.34 -1.87
CA TYR C 66 -5.33 -12.08 -1.51
C TYR C 66 -6.25 -11.12 -0.72
N ALA C 67 -7.56 -11.13 -1.00
CA ALA C 67 -8.49 -10.17 -0.41
C ALA C 67 -8.99 -10.63 0.96
N ARG C 68 -8.50 -11.77 1.40
CA ARG C 68 -8.65 -12.29 2.74
C ARG C 68 -9.95 -13.02 3.06
N ASN C 69 -10.86 -12.39 3.80
CA ASN C 69 -12.10 -13.05 4.23
C ASN C 69 -13.18 -12.90 3.17
N GLU C 70 -12.95 -13.62 2.08
CA GLU C 70 -13.69 -13.50 0.85
C GLU C 70 -13.96 -14.84 0.23
N ILE C 71 -15.21 -15.02 -0.21
CA ILE C 71 -15.52 -16.05 -1.20
C ILE C 71 -16.17 -15.37 -2.43
N TYR C 72 -16.11 -16.04 -3.56
CA TYR C 72 -16.64 -15.43 -4.80
C TYR C 72 -16.95 -16.46 -5.86
N ASN C 73 -17.73 -16.04 -6.86
CA ASN C 73 -17.85 -16.84 -8.05
C ASN C 73 -17.44 -15.99 -9.28
N LEU C 74 -17.33 -16.67 -10.41
CA LEU C 74 -16.98 -16.04 -11.68
C LEU C 74 -18.00 -16.43 -12.74
N VAL C 75 -18.67 -15.43 -13.32
CA VAL C 75 -19.67 -15.69 -14.34
C VAL C 75 -19.43 -14.85 -15.61
N PRO C 76 -19.89 -15.34 -16.78
CA PRO C 76 -19.88 -14.52 -17.97
C PRO C 76 -20.65 -13.24 -17.73
N ALA C 77 -20.17 -12.14 -18.29
CA ALA C 77 -20.88 -10.87 -18.23
C ALA C 77 -22.32 -11.09 -18.67
N PHE C 78 -23.23 -10.40 -17.99
CA PHE C 78 -24.65 -10.60 -18.16
C PHE C 78 -25.43 -9.34 -18.46
N ALA C 79 -24.90 -8.17 -18.11
CA ALA C 79 -25.65 -6.91 -18.29
C ALA C 79 -25.47 -6.41 -19.71
N PRO C 80 -26.44 -5.64 -20.21
CA PRO C 80 -26.30 -5.01 -21.53
C PRO C 80 -25.10 -4.06 -21.56
N LYS C 81 -24.84 -3.40 -20.45
CA LYS C 81 -23.63 -2.58 -20.27
CA LYS C 81 -23.56 -2.71 -20.30
C LYS C 81 -23.12 -2.76 -18.85
N GLU C 82 -21.80 -2.80 -18.67
CA GLU C 82 -21.21 -2.91 -17.36
C GLU C 82 -21.50 -1.61 -16.61
N PRO C 83 -21.70 -1.68 -15.30
CA PRO C 83 -22.08 -0.50 -14.54
C PRO C 83 -20.96 0.54 -14.42
N GLY C 84 -19.71 0.12 -14.58
CA GLY C 84 -18.59 1.00 -14.29
C GLY C 84 -18.43 1.13 -12.79
N ALA C 85 -17.49 1.97 -12.37
CA ALA C 85 -17.21 2.21 -10.94
C ALA C 85 -18.43 2.75 -10.25
N GLU C 86 -18.80 2.16 -9.13
CA GLU C 86 -19.97 2.60 -8.41
C GLU C 86 -19.90 2.14 -6.98
N ASN C 87 -20.01 3.07 -6.03
CA ASN C 87 -19.98 2.73 -4.61
C ASN C 87 -18.81 1.78 -4.30
N THR C 88 -17.62 2.12 -4.79
CA THR C 88 -16.46 1.23 -4.71
C THR C 88 -15.78 1.24 -3.36
N THR C 89 -15.13 0.13 -3.06
CA THR C 89 -14.23 0.01 -1.93
C THR C 89 -12.96 -0.78 -2.31
N VAL C 90 -11.87 -0.45 -1.64
CA VAL C 90 -10.70 -1.36 -1.58
C VAL C 90 -10.48 -1.87 -0.17
N THR C 91 -11.40 -1.48 0.71
CA THR C 91 -11.44 -1.93 2.13
C THR C 91 -12.81 -2.54 2.47
N PRO C 92 -13.10 -3.72 1.90
CA PRO C 92 -14.41 -4.30 2.13
C PRO C 92 -14.57 -4.84 3.56
N ILE C 93 -15.78 -4.72 4.08
CA ILE C 93 -16.09 -5.02 5.47
C ILE C 93 -17.03 -6.24 5.57
N PRO C 94 -17.16 -6.82 6.79
CA PRO C 94 -18.03 -7.97 6.96
C PRO C 94 -19.44 -7.65 6.44
N GLY C 95 -19.98 -8.53 5.62
CA GLY C 95 -21.30 -8.33 5.05
C GLY C 95 -21.36 -7.69 3.67
N ASP C 96 -20.26 -7.09 3.20
CA ASP C 96 -20.22 -6.50 1.87
C ASP C 96 -20.42 -7.59 0.82
N VAL C 97 -21.21 -7.25 -0.19
CA VAL C 97 -21.32 -8.07 -1.39
C VAL C 97 -20.85 -7.18 -2.53
N CYS C 98 -19.85 -7.65 -3.26
CA CYS C 98 -19.14 -6.87 -4.28
C CYS C 98 -19.27 -7.45 -5.69
N TYR C 99 -19.22 -6.55 -6.66
CA TYR C 99 -19.23 -6.84 -8.10
C TYR C 99 -17.93 -6.30 -8.73
N PHE C 100 -17.25 -7.12 -9.52
CA PHE C 100 -16.07 -6.67 -10.26
C PHE C 100 -16.25 -7.06 -11.70
N THR C 101 -15.90 -6.14 -12.61
CA THR C 101 -15.81 -6.42 -14.03
C THR C 101 -14.33 -6.76 -14.31
N PHE C 102 -14.05 -7.98 -14.76
CA PHE C 102 -12.71 -8.35 -15.23
C PHE C 102 -12.71 -8.81 -16.67
N THR C 103 -11.53 -8.85 -17.25
CA THR C 103 -11.33 -9.52 -18.54
C THR C 103 -10.70 -10.88 -18.30
N SER C 104 -10.69 -11.74 -19.33
CA SER C 104 -9.97 -13.00 -19.24
CA SER C 104 -9.97 -13.00 -19.23
C SER C 104 -8.51 -12.79 -18.80
N ASN C 105 -7.86 -11.78 -19.37
CA ASN C 105 -6.45 -11.46 -19.04
C ASN C 105 -6.23 -11.18 -17.55
N ASP C 106 -7.21 -10.59 -16.89
CA ASP C 106 -7.12 -10.29 -15.45
C ASP C 106 -7.05 -11.56 -14.61
N LEU C 107 -7.75 -12.60 -15.04
CA LEU C 107 -8.03 -13.74 -14.18
C LEU C 107 -7.27 -15.00 -14.60
N LYS C 108 -7.16 -15.21 -15.91
CA LYS C 108 -6.53 -16.40 -16.45
C LYS C 108 -5.00 -16.18 -16.47
N THR C 109 -4.39 -16.29 -15.29
CA THR C 109 -2.98 -15.95 -15.08
C THR C 109 -2.31 -16.96 -14.17
N PRO C 110 -0.99 -17.15 -14.34
CA PRO C 110 -0.23 -17.97 -13.40
C PRO C 110 -0.45 -17.59 -11.94
N SER C 111 -0.47 -16.28 -11.66
CA SER C 111 -0.62 -15.80 -10.28
C SER C 111 -1.93 -16.28 -9.65
N HIS C 112 -3.00 -16.39 -10.46
CA HIS C 112 -4.29 -16.87 -9.93
C HIS C 112 -4.30 -18.38 -9.75
N GLY C 113 -3.78 -19.09 -10.77
CA GLY C 113 -3.63 -20.54 -10.72
C GLY C 113 -4.93 -21.34 -10.73
N TYR C 114 -5.93 -20.89 -11.51
CA TYR C 114 -7.22 -21.61 -11.59
C TYR C 114 -6.98 -23.00 -12.23
N GLU C 115 -7.73 -24.00 -11.76
CA GLU C 115 -7.74 -25.31 -12.40
C GLU C 115 -8.40 -25.24 -13.79
N GLN C 124 -12.85 -12.47 -23.04
CA GLN C 124 -14.22 -12.03 -22.83
C GLN C 124 -14.33 -11.28 -21.48
N THR C 125 -15.52 -10.78 -21.18
CA THR C 125 -15.73 -10.07 -19.94
C THR C 125 -16.33 -11.02 -18.93
N ILE C 126 -15.72 -11.08 -17.76
CA ILE C 126 -16.12 -11.95 -16.67
CA ILE C 126 -16.14 -11.95 -16.68
C ILE C 126 -16.52 -11.09 -15.49
N VAL C 127 -17.59 -11.47 -14.80
CA VAL C 127 -18.00 -10.78 -13.57
C VAL C 127 -17.65 -11.64 -12.38
N ASP C 128 -17.07 -11.02 -11.36
CA ASP C 128 -16.76 -11.65 -10.08
C ASP C 128 -17.77 -11.12 -9.09
N LEU C 129 -18.54 -12.01 -8.48
CA LEU C 129 -19.50 -11.67 -7.44
C LEU C 129 -18.96 -12.22 -6.13
N ALA C 130 -18.72 -11.32 -5.17
CA ALA C 130 -17.93 -11.68 -4.00
C ALA C 130 -18.67 -11.34 -2.73
N VAL C 131 -18.46 -12.17 -1.71
CA VAL C 131 -18.99 -11.99 -0.37
C VAL C 131 -17.83 -11.89 0.63
N PHE C 132 -17.85 -10.84 1.44
CA PHE C 132 -16.89 -10.65 2.52
C PHE C 132 -17.52 -11.03 3.85
N TYR C 133 -16.89 -11.99 4.51
CA TYR C 133 -17.43 -12.60 5.72
C TYR C 133 -16.66 -12.26 6.99
N GLY C 134 -15.57 -11.51 6.85
CA GLY C 134 -14.73 -11.05 7.97
C GLY C 134 -14.14 -9.66 7.64
N ARG C 135 -13.28 -9.15 8.53
CA ARG C 135 -12.78 -7.78 8.43
C ARG C 135 -11.30 -7.75 8.11
N ASN C 136 -10.73 -6.55 8.06
CA ASN C 136 -9.30 -6.37 7.81
C ASN C 136 -8.83 -6.97 6.47
N ASN C 137 -9.59 -6.66 5.43
CA ASN C 137 -9.33 -7.09 4.06
C ASN C 137 -8.81 -5.92 3.24
N LEU C 138 -7.92 -6.19 2.30
CA LEU C 138 -7.50 -5.20 1.31
C LEU C 138 -7.67 -5.77 -0.11
N LEU C 139 -8.38 -5.04 -0.97
CA LEU C 139 -8.52 -5.41 -2.37
C LEU C 139 -7.33 -4.92 -3.16
N LEU C 140 -6.23 -5.64 -2.99
CA LEU C 140 -4.94 -5.23 -3.49
C LEU C 140 -4.17 -6.50 -3.84
N ASN C 141 -3.62 -6.57 -5.04
CA ASN C 141 -2.86 -7.79 -5.43
C ASN C 141 -1.60 -7.45 -6.21
N GLY C 142 -0.72 -8.43 -6.38
CA GLY C 142 0.56 -8.18 -7.05
C GLY C 142 0.51 -8.25 -8.55
N ASP C 143 -0.69 -8.42 -9.10
CA ASP C 143 -0.87 -8.38 -10.57
C ASP C 143 -0.95 -6.94 -11.04
N THR C 144 -1.78 -6.14 -10.37
CA THR C 144 -2.13 -4.79 -10.83
CA THR C 144 -2.10 -4.77 -10.83
C THR C 144 -2.16 -3.71 -9.73
N GLY C 145 -2.06 -4.10 -8.46
CA GLY C 145 -2.23 -3.13 -7.39
C GLY C 145 -3.66 -3.16 -6.87
N TRP C 146 -4.29 -2.01 -6.71
CA TRP C 146 -5.63 -1.95 -6.14
C TRP C 146 -6.69 -2.50 -7.10
N VAL C 147 -7.65 -3.26 -6.56
CA VAL C 147 -8.76 -3.79 -7.35
CA VAL C 147 -8.77 -3.74 -7.37
C VAL C 147 -10.10 -3.43 -6.69
N PRO C 148 -10.59 -2.20 -6.90
CA PRO C 148 -11.84 -1.81 -6.24
C PRO C 148 -13.05 -2.64 -6.70
N GLY C 149 -13.94 -2.93 -5.77
CA GLY C 149 -15.18 -3.63 -6.07
C GLY C 149 -16.35 -2.72 -5.79
N ASN C 150 -17.38 -2.83 -6.63
CA ASN C 150 -18.64 -2.12 -6.38
C ASN C 150 -19.38 -2.79 -5.24
N VAL C 151 -19.67 -2.06 -4.17
CA VAL C 151 -20.42 -2.67 -3.10
C VAL C 151 -21.91 -2.49 -3.45
N PHE C 152 -22.60 -3.59 -3.72
CA PHE C 152 -24.00 -3.50 -4.14
C PHE C 152 -25.05 -4.19 -3.25
N ALA C 153 -24.59 -4.91 -2.22
CA ALA C 153 -25.49 -5.53 -1.25
C ALA C 153 -24.82 -5.63 0.12
N THR C 154 -25.64 -5.73 1.16
CA THR C 154 -25.13 -5.87 2.52
CA THR C 154 -25.17 -5.80 2.56
C THR C 154 -25.90 -6.97 3.23
N ILE C 155 -25.16 -7.96 3.74
CA ILE C 155 -25.82 -9.12 4.37
C ILE C 155 -26.49 -8.65 5.66
N VAL C 156 -27.78 -8.95 5.80
CA VAL C 156 -28.53 -8.52 7.00
C VAL C 156 -29.03 -9.69 7.84
N GLU C 157 -29.06 -10.90 7.29
CA GLU C 157 -29.47 -12.09 8.03
CA GLU C 157 -29.47 -12.08 8.04
C GLU C 157 -28.55 -13.24 7.67
N GLY C 158 -28.15 -14.01 8.67
CA GLY C 158 -27.39 -15.23 8.46
C GLY C 158 -25.88 -15.04 8.25
N LEU C 159 -25.35 -13.84 8.53
CA LEU C 159 -23.94 -13.58 8.34
C LEU C 159 -23.04 -14.52 9.16
N ASP C 160 -23.39 -14.77 10.43
CA ASP C 160 -22.54 -15.61 11.27
C ASP C 160 -22.45 -17.02 10.72
N GLU C 161 -23.59 -17.57 10.26
CA GLU C 161 -23.57 -18.94 9.66
C GLU C 161 -22.80 -18.93 8.35
N MSE C 162 -22.97 -17.89 7.55
CA MSE C 162 -22.23 -17.84 6.27
C MSE C 162 -20.72 -17.82 6.55
O MSE C 162 -19.94 -18.53 5.89
CB MSE C 162 -22.66 -16.62 5.45
CG MSE C 162 -22.00 -16.48 4.08
SE MSE C 162 -22.05 -18.12 3.01
CE MSE C 162 -23.88 -18.00 2.77
N ALA C 163 -20.33 -17.01 7.53
CA ALA C 163 -18.90 -16.88 7.91
C ALA C 163 -18.33 -18.24 8.30
N ALA C 164 -19.12 -19.00 9.08
CA ALA C 164 -18.72 -20.34 9.49
C ALA C 164 -18.60 -21.28 8.26
N ALA C 165 -19.53 -21.19 7.32
CA ALA C 165 -19.45 -21.98 6.07
C ALA C 165 -18.20 -21.60 5.23
N CYS C 166 -17.87 -20.32 5.21
CA CYS C 166 -16.72 -19.82 4.47
C CYS C 166 -15.42 -20.29 5.12
N GLN C 167 -15.35 -20.34 6.45
CA GLN C 167 -14.15 -20.87 7.08
CA GLN C 167 -14.21 -20.90 7.17
C GLN C 167 -14.01 -22.36 6.76
N ASP C 168 -15.14 -23.06 6.62
CA ASP C 168 -15.16 -24.45 6.21
C ASP C 168 -14.75 -24.64 4.74
N ILE C 169 -15.04 -23.67 3.89
CA ILE C 169 -14.51 -23.68 2.48
C ILE C 169 -12.97 -23.50 2.49
N TRP C 170 -12.49 -22.57 3.31
CA TRP C 170 -11.05 -22.32 3.45
C TRP C 170 -10.33 -23.57 3.93
N MSE C 171 -10.83 -24.22 4.99
CA MSE C 171 -10.16 -25.42 5.55
C MSE C 171 -10.53 -26.73 4.84
O MSE C 171 -9.75 -27.68 4.82
CB MSE C 171 -10.51 -25.56 7.03
CG MSE C 171 -9.99 -24.42 7.90
SE MSE C 171 -8.02 -24.12 7.75
CE MSE C 171 -7.57 -25.95 8.08
N GLY C 172 -11.76 -26.81 4.33
CA GLY C 172 -12.32 -28.07 3.81
C GLY C 172 -12.49 -28.08 2.30
N GLY C 173 -12.21 -26.99 1.63
CA GLY C 173 -12.24 -26.98 0.16
C GLY C 173 -13.54 -26.51 -0.45
N ALA C 174 -13.50 -26.32 -1.77
CA ALA C 174 -14.60 -25.80 -2.56
C ALA C 174 -15.10 -26.81 -3.61
N ARG C 175 -14.64 -28.06 -3.51
CA ARG C 175 -14.96 -29.08 -4.49
C ARG C 175 -16.44 -29.28 -4.47
N ASP C 176 -17.04 -29.26 -5.67
CA ASP C 176 -18.45 -29.46 -5.89
C ASP C 176 -19.34 -28.43 -5.18
N GLU C 177 -18.75 -27.32 -4.71
CA GLU C 177 -19.50 -26.29 -4.01
C GLU C 177 -19.80 -25.16 -5.00
N THR C 178 -21.00 -24.60 -4.88
CA THR C 178 -21.57 -23.62 -5.81
C THR C 178 -22.11 -22.44 -5.04
N LEU C 179 -21.74 -21.25 -5.47
CA LEU C 179 -22.27 -20.04 -4.86
C LEU C 179 -23.35 -19.50 -5.78
N THR C 180 -24.56 -19.34 -5.23
CA THR C 180 -25.73 -18.86 -5.98
C THR C 180 -26.33 -17.61 -5.39
N PHE C 181 -26.54 -16.62 -6.26
CA PHE C 181 -27.19 -15.36 -5.91
C PHE C 181 -28.58 -15.46 -6.54
N SER C 182 -29.63 -15.16 -5.78
CA SER C 182 -31.02 -15.27 -6.31
C SER C 182 -31.91 -14.18 -5.68
N ARG C 183 -33.09 -13.90 -6.26
CA ARG C 183 -33.99 -12.88 -5.71
C ARG C 183 -34.69 -13.49 -4.50
N ALA C 184 -34.79 -12.75 -3.41
CA ALA C 184 -35.53 -13.22 -2.23
C ALA C 184 -36.85 -12.47 -2.30
N GLU C 185 -37.95 -13.16 -2.50
CA GLU C 185 -39.20 -12.46 -2.83
C GLU C 185 -40.39 -13.10 -2.16
N GLY D 19 6.38 32.01 -24.08
CA GLY D 19 5.45 33.02 -23.50
C GLY D 19 5.74 33.28 -22.03
N MSE D 20 5.60 34.55 -21.62
CA MSE D 20 5.79 34.96 -20.22
C MSE D 20 4.98 34.18 -19.17
O MSE D 20 3.91 33.68 -19.45
CB MSE D 20 5.47 36.44 -20.06
CG MSE D 20 4.49 37.02 -21.05
SE MSE D 20 3.82 38.71 -20.39
CE MSE D 20 5.44 39.40 -19.56
N ALA D 21 5.52 34.13 -17.96
CA ALA D 21 4.86 33.45 -16.83
C ALA D 21 3.49 34.06 -16.55
N ARG D 22 2.52 33.19 -16.28
CA ARG D 22 1.22 33.61 -15.83
C ARG D 22 0.99 33.16 -14.40
N TYR D 23 0.28 33.99 -13.65
CA TYR D 23 0.03 33.74 -12.24
C TYR D 23 -1.46 33.77 -11.95
N ILE D 24 -1.85 32.93 -10.98
CA ILE D 24 -3.23 32.91 -10.45
C ILE D 24 -3.28 33.29 -8.95
N ASN D 25 -4.37 33.93 -8.56
CA ASN D 25 -4.62 34.17 -7.16
C ASN D 25 -5.56 33.13 -6.63
N ILE D 26 -5.30 32.69 -5.40
CA ILE D 26 -6.12 31.66 -4.74
C ILE D 26 -6.57 32.29 -3.43
N THR D 27 -7.87 32.36 -3.22
CA THR D 27 -8.41 33.19 -2.17
C THR D 27 -9.46 32.46 -1.38
N LEU D 28 -9.38 32.58 -0.06
CA LEU D 28 -10.49 32.27 0.85
C LEU D 28 -11.26 33.57 1.13
N GLU D 29 -12.50 33.64 0.68
CA GLU D 29 -13.24 34.92 0.66
C GLU D 29 -13.66 35.36 2.04
N LYS D 30 -14.08 34.44 2.90
CA LYS D 30 -14.54 34.83 4.23
C LYS D 30 -13.37 35.23 5.11
N ARG D 31 -12.37 34.38 5.19
CA ARG D 31 -11.18 34.70 5.98
C ARG D 31 -10.34 35.84 5.38
N GLY D 32 -10.51 36.11 4.09
CA GLY D 32 -9.81 37.22 3.42
C GLY D 32 -8.33 36.97 3.21
N VAL D 33 -7.97 35.75 2.84
CA VAL D 33 -6.58 35.35 2.70
C VAL D 33 -6.34 34.91 1.25
N THR D 34 -5.34 35.51 0.60
CA THR D 34 -5.02 35.23 -0.79
C THR D 34 -3.56 34.86 -0.89
N CYS D 35 -3.26 33.90 -1.75
CA CYS D 35 -1.89 33.62 -2.12
C CYS D 35 -1.85 33.61 -3.63
N LYS D 36 -0.64 33.61 -4.18
CA LYS D 36 -0.43 33.69 -5.62
C LYS D 36 0.38 32.48 -6.06
N ALA D 37 0.00 31.89 -7.20
CA ALA D 37 0.66 30.73 -7.75
C ALA D 37 1.08 30.94 -9.19
N LEU D 38 2.25 30.41 -9.51
CA LEU D 38 2.72 30.31 -10.88
C LEU D 38 1.99 29.18 -11.57
N LEU D 39 1.38 29.51 -12.70
CA LEU D 39 0.67 28.52 -13.50
C LEU D 39 1.69 27.73 -14.26
N LEU D 40 1.62 26.40 -14.21
CA LEU D 40 2.68 25.60 -14.83
C LEU D 40 2.44 25.31 -16.30
N ASP D 41 2.51 26.34 -17.13
CA ASP D 41 2.20 26.28 -18.57
C ASP D 41 3.17 25.39 -19.32
N ASP D 42 4.38 25.26 -18.79
CA ASP D 42 5.43 24.45 -19.39
C ASP D 42 5.26 22.94 -19.18
N VAL D 43 5.01 22.49 -17.95
CA VAL D 43 4.91 21.05 -17.67
C VAL D 43 3.47 20.57 -17.52
N ALA D 44 2.52 21.48 -17.37
CA ALA D 44 1.11 21.09 -17.37
C ALA D 44 0.30 21.98 -18.29
N PRO D 45 0.63 22.01 -19.60
CA PRO D 45 0.00 23.02 -20.50
C PRO D 45 -1.49 22.85 -20.72
N ARG D 46 -1.97 21.61 -20.83
CA ARG D 46 -3.40 21.37 -21.10
C ARG D 46 -4.24 21.72 -19.87
N THR D 47 -3.76 21.34 -18.69
CA THR D 47 -4.48 21.63 -17.46
C THR D 47 -4.40 23.10 -17.14
N SER D 48 -3.20 23.68 -17.31
CA SER D 48 -3.05 25.14 -17.16
C SER D 48 -3.99 25.91 -18.05
N LYS D 49 -4.05 25.51 -19.32
CA LYS D 49 -5.00 26.17 -20.24
C LYS D 49 -6.46 25.99 -19.86
N ALA D 50 -6.84 24.76 -19.54
CA ALA D 50 -8.22 24.43 -19.18
C ALA D 50 -8.72 25.34 -18.05
N VAL D 51 -7.88 25.50 -17.03
CA VAL D 51 -8.24 26.30 -15.87
C VAL D 51 -8.19 27.80 -16.18
N TRP D 52 -7.07 28.30 -16.73
CA TRP D 52 -6.95 29.74 -17.04
C TRP D 52 -8.15 30.25 -17.82
N ASP D 53 -8.50 29.53 -18.88
CA ASP D 53 -9.55 29.98 -19.80
C ASP D 53 -10.89 30.09 -19.08
N ALA D 54 -11.08 29.28 -18.04
CA ALA D 54 -12.37 29.19 -17.37
C ALA D 54 -12.44 30.02 -16.08
N LEU D 55 -11.37 30.70 -15.70
CA LEU D 55 -11.39 31.46 -14.46
C LEU D 55 -12.28 32.67 -14.59
N PRO D 56 -12.86 33.15 -13.47
CA PRO D 56 -12.70 32.64 -12.11
C PRO D 56 -13.50 31.37 -11.84
N GLN D 57 -12.98 30.52 -10.96
CA GLN D 57 -13.73 29.35 -10.47
C GLN D 57 -13.76 29.50 -8.95
N SER D 58 -14.96 29.38 -8.39
CA SER D 58 -15.20 29.77 -7.01
C SER D 58 -16.29 28.86 -6.48
N SER D 59 -16.05 28.21 -5.35
CA SER D 59 -17.08 27.40 -4.72
C SER D 59 -16.76 27.12 -3.25
N GLN D 60 -17.75 26.57 -2.55
CA GLN D 60 -17.61 26.13 -1.16
C GLN D 60 -16.32 25.36 -0.96
N VAL D 61 -15.57 25.73 0.09
CA VAL D 61 -14.33 25.05 0.38
C VAL D 61 -14.59 23.82 1.26
N PHE D 62 -13.70 22.83 1.14
CA PHE D 62 -13.72 21.60 1.95
C PHE D 62 -12.29 21.35 2.42
N HIS D 63 -12.14 20.80 3.63
CA HIS D 63 -10.86 20.29 4.08
C HIS D 63 -10.78 18.82 3.73
N GLY D 64 -9.62 18.35 3.28
CA GLY D 64 -9.46 16.92 2.99
C GLY D 64 -9.65 16.08 4.26
N LYS D 65 -10.14 14.86 4.08
CA LYS D 65 -10.26 13.86 5.13
C LYS D 65 -9.24 12.72 4.96
N TYR D 66 -8.69 12.56 3.75
CA TYR D 66 -7.69 11.46 3.52
C TYR D 66 -6.32 11.92 2.98
N ALA D 67 -6.29 13.00 2.19
CA ALA D 67 -5.05 13.49 1.53
C ALA D 67 -4.26 14.48 2.42
N ARG D 68 -4.77 14.67 3.61
CA ARG D 68 -4.09 15.33 4.72
C ARG D 68 -4.12 16.84 4.68
N ASN D 69 -3.00 17.47 4.35
CA ASN D 69 -2.89 18.93 4.38
C ASN D 69 -3.42 19.54 3.11
N GLU D 70 -4.72 19.38 2.92
CA GLU D 70 -5.39 19.72 1.66
C GLU D 70 -6.66 20.50 1.93
N ILE D 71 -6.90 21.57 1.18
CA ILE D 71 -8.24 22.14 1.02
C ILE D 71 -8.57 22.06 -0.46
N TYR D 72 -9.86 22.16 -0.78
CA TYR D 72 -10.30 22.04 -2.18
C TYR D 72 -11.72 22.51 -2.35
N ASN D 73 -12.07 22.74 -3.61
CA ASN D 73 -13.45 23.01 -3.99
C ASN D 73 -13.86 22.06 -5.08
N LEU D 74 -15.16 22.04 -5.37
CA LEU D 74 -15.70 21.16 -6.42
C LEU D 74 -16.57 21.98 -7.31
N VAL D 75 -16.29 21.94 -8.61
CA VAL D 75 -17.06 22.68 -9.59
C VAL D 75 -17.44 21.81 -10.79
N PRO D 76 -18.51 22.18 -11.49
CA PRO D 76 -18.85 21.52 -12.73
C PRO D 76 -17.72 21.67 -13.74
N ALA D 77 -17.51 20.62 -14.53
CA ALA D 77 -16.55 20.64 -15.61
C ALA D 77 -16.74 21.90 -16.43
N PHE D 78 -15.62 22.52 -16.80
CA PHE D 78 -15.60 23.79 -17.51
C PHE D 78 -14.77 23.78 -18.78
N ALA D 79 -13.84 22.83 -18.92
CA ALA D 79 -13.02 22.73 -20.12
C ALA D 79 -13.83 22.13 -21.28
N PRO D 80 -13.55 22.57 -22.52
CA PRO D 80 -14.20 21.93 -23.66
C PRO D 80 -13.91 20.44 -23.67
N LYS D 81 -12.69 20.08 -23.28
CA LYS D 81 -12.41 18.69 -22.96
C LYS D 81 -11.42 18.56 -21.82
N GLU D 82 -11.53 17.46 -21.09
CA GLU D 82 -10.71 17.24 -19.93
C GLU D 82 -9.25 17.04 -20.36
N PRO D 83 -8.29 17.55 -19.55
CA PRO D 83 -6.89 17.51 -19.93
C PRO D 83 -6.35 16.08 -19.92
N GLY D 84 -6.97 15.20 -19.16
CA GLY D 84 -6.39 13.85 -18.95
C GLY D 84 -5.20 13.94 -18.00
N ALA D 85 -4.62 12.79 -17.68
CA ALA D 85 -3.47 12.74 -16.79
C ALA D 85 -2.36 13.66 -17.31
N GLU D 86 -1.91 14.60 -16.49
CA GLU D 86 -0.80 15.48 -16.85
C GLU D 86 -0.01 15.90 -15.62
N ASN D 87 1.32 15.74 -15.63
CA ASN D 87 2.17 16.17 -14.49
C ASN D 87 1.61 15.70 -13.14
N THR D 88 1.30 14.41 -13.03
CA THR D 88 0.56 13.92 -11.92
C THR D 88 1.43 13.64 -10.73
N THR D 89 0.81 13.71 -9.55
CA THR D 89 1.42 13.25 -8.32
C THR D 89 0.41 12.46 -7.51
N VAL D 90 0.90 11.51 -6.70
CA VAL D 90 0.15 10.98 -5.57
C VAL D 90 0.83 11.32 -4.25
N THR D 91 1.90 12.14 -4.31
CA THR D 91 2.63 12.64 -3.13
C THR D 91 2.73 14.17 -3.21
N PRO D 92 1.59 14.85 -3.10
CA PRO D 92 1.66 16.29 -3.27
C PRO D 92 2.40 16.98 -2.13
N ILE D 93 3.03 18.10 -2.42
CA ILE D 93 3.93 18.81 -1.53
C ILE D 93 3.40 20.21 -1.24
N PRO D 94 3.94 20.88 -0.19
CA PRO D 94 3.43 22.19 0.15
C PRO D 94 3.46 23.13 -1.06
N GLY D 95 2.35 23.77 -1.34
CA GLY D 95 2.27 24.74 -2.44
C GLY D 95 1.76 24.18 -3.77
N ASP D 96 1.64 22.86 -3.87
CA ASP D 96 0.95 22.26 -5.01
C ASP D 96 -0.52 22.71 -5.16
N VAL D 97 -0.88 23.03 -6.40
CA VAL D 97 -2.26 23.22 -6.79
C VAL D 97 -2.61 22.11 -7.79
N CYS D 98 -3.66 21.36 -7.48
CA CYS D 98 -3.98 20.13 -8.22
C CYS D 98 -5.38 20.18 -8.80
N TYR D 99 -5.52 19.52 -9.94
CA TYR D 99 -6.75 19.40 -10.71
C TYR D 99 -7.07 17.93 -10.76
N PHE D 100 -8.29 17.56 -10.39
CA PHE D 100 -8.80 16.20 -10.61
C PHE D 100 -10.10 16.23 -11.39
N THR D 101 -10.24 15.28 -12.32
CA THR D 101 -11.53 15.03 -12.99
C THR D 101 -12.24 13.90 -12.26
N PHE D 102 -13.44 14.15 -11.75
CA PHE D 102 -14.25 13.10 -11.15
C PHE D 102 -15.61 13.03 -11.80
N THR D 103 -16.32 11.94 -11.53
CA THR D 103 -17.74 11.81 -11.84
C THR D 103 -18.51 11.95 -10.52
N SER D 104 -19.81 12.17 -10.61
CA SER D 104 -20.67 12.16 -9.40
C SER D 104 -20.51 10.87 -8.57
N ASN D 105 -20.24 9.74 -9.23
CA ASN D 105 -20.02 8.45 -8.53
C ASN D 105 -18.80 8.42 -7.63
N ASP D 106 -17.74 9.10 -8.06
CA ASP D 106 -16.52 9.16 -7.28
C ASP D 106 -16.75 9.89 -5.96
N LEU D 107 -17.68 10.83 -5.94
CA LEU D 107 -17.78 11.81 -4.86
C LEU D 107 -19.05 11.64 -4.03
N LYS D 108 -20.17 11.38 -4.68
CA LYS D 108 -21.43 11.22 -3.99
C LYS D 108 -21.52 9.83 -3.36
N THR D 109 -20.74 9.60 -2.30
CA THR D 109 -20.63 8.27 -1.67
C THR D 109 -20.82 8.32 -0.16
N PRO D 110 -21.33 7.23 0.46
CA PRO D 110 -21.33 7.16 1.92
C PRO D 110 -19.98 7.52 2.54
N SER D 111 -18.90 6.96 1.99
CA SER D 111 -17.53 7.18 2.51
C SER D 111 -17.09 8.66 2.50
N HIS D 112 -17.67 9.49 1.62
CA HIS D 112 -17.33 10.93 1.57
C HIS D 112 -18.16 11.75 2.56
N GLY D 113 -19.44 11.40 2.65
CA GLY D 113 -20.34 12.04 3.61
C GLY D 113 -20.53 13.54 3.45
N TYR D 114 -20.58 14.01 2.19
CA TYR D 114 -20.92 15.41 1.91
C TYR D 114 -22.34 15.71 2.41
N GLU D 115 -22.55 16.93 2.90
CA GLU D 115 -23.89 17.35 3.35
C GLU D 115 -24.82 17.57 2.17
N GLN D 124 -22.50 13.12 -14.50
CA GLN D 124 -21.94 14.48 -14.46
C GLN D 124 -20.45 14.51 -14.13
N THR D 125 -19.70 15.38 -14.82
CA THR D 125 -18.28 15.53 -14.59
C THR D 125 -18.03 16.72 -13.66
N ILE D 126 -17.25 16.43 -12.63
CA ILE D 126 -16.94 17.42 -11.58
CA ILE D 126 -16.95 17.38 -11.55
C ILE D 126 -15.45 17.55 -11.50
N VAL D 127 -14.98 18.78 -11.35
CA VAL D 127 -13.57 19.08 -11.17
C VAL D 127 -13.30 19.49 -9.73
N ASP D 128 -12.22 18.95 -9.20
CA ASP D 128 -11.74 19.21 -7.85
C ASP D 128 -10.48 20.02 -8.06
N LEU D 129 -10.48 21.25 -7.55
CA LEU D 129 -9.31 22.12 -7.54
C LEU D 129 -8.80 22.17 -6.08
N ALA D 130 -7.58 21.66 -5.86
CA ALA D 130 -7.03 21.43 -4.52
C ALA D 130 -5.76 22.23 -4.25
N VAL D 131 -5.59 22.64 -3.00
CA VAL D 131 -4.40 23.32 -2.56
C VAL D 131 -3.78 22.46 -1.48
N PHE D 132 -2.49 22.16 -1.60
CA PHE D 132 -1.77 21.44 -0.55
C PHE D 132 -0.93 22.43 0.22
N TYR D 133 -1.26 22.61 1.50
CA TYR D 133 -0.61 23.62 2.34
C TYR D 133 0.44 23.06 3.32
N GLY D 134 0.66 21.75 3.33
CA GLY D 134 1.61 21.11 4.22
C GLY D 134 2.17 19.90 3.51
N ARG D 135 2.97 19.10 4.21
CA ARG D 135 3.69 17.99 3.58
C ARG D 135 3.22 16.63 4.11
N ASN D 136 3.86 15.57 3.65
CA ASN D 136 3.57 14.20 4.13
C ASN D 136 2.13 13.80 3.86
N ASN D 137 1.71 14.09 2.64
CA ASN D 137 0.36 13.80 2.09
C ASN D 137 0.40 12.63 1.14
N LEU D 138 -0.63 11.77 1.18
CA LEU D 138 -0.75 10.67 0.21
C LEU D 138 -2.14 10.79 -0.46
N LEU D 139 -2.15 10.85 -1.79
CA LEU D 139 -3.42 10.85 -2.55
C LEU D 139 -3.91 9.40 -2.79
N LEU D 140 -4.49 8.86 -1.72
CA LEU D 140 -4.78 7.45 -1.60
C LEU D 140 -5.99 7.34 -0.67
N ASN D 141 -7.02 6.63 -1.12
CA ASN D 141 -8.23 6.45 -0.30
C ASN D 141 -8.78 5.02 -0.40
N GLY D 142 -9.72 4.70 0.49
CA GLY D 142 -10.27 3.36 0.58
C GLY D 142 -11.45 3.08 -0.35
N ASP D 143 -11.77 4.04 -1.21
CA ASP D 143 -12.76 3.84 -2.29
C ASP D 143 -12.11 3.15 -3.50
N THR D 144 -10.95 3.66 -3.94
CA THR D 144 -10.35 3.24 -5.20
CA THR D 144 -10.35 3.17 -5.16
C THR D 144 -8.84 3.02 -5.15
N GLY D 145 -8.19 3.40 -4.06
CA GLY D 145 -6.73 3.35 -3.96
C GLY D 145 -6.10 4.70 -4.29
N TRP D 146 -5.15 4.71 -5.22
CA TRP D 146 -4.42 5.94 -5.56
C TRP D 146 -5.31 6.85 -6.40
N VAL D 147 -5.23 8.16 -6.14
CA VAL D 147 -6.02 9.17 -6.83
CA VAL D 147 -6.00 9.12 -6.89
C VAL D 147 -5.07 10.28 -7.32
N PRO D 148 -4.36 10.07 -8.43
CA PRO D 148 -3.37 11.06 -8.85
C PRO D 148 -4.05 12.36 -9.20
N GLY D 149 -3.44 13.48 -8.83
CA GLY D 149 -3.89 14.82 -9.28
C GLY D 149 -2.85 15.45 -10.20
N ASN D 150 -3.33 16.24 -11.14
CA ASN D 150 -2.50 16.98 -12.08
C ASN D 150 -2.01 18.21 -11.35
N VAL D 151 -0.70 18.35 -11.18
CA VAL D 151 -0.12 19.56 -10.56
C VAL D 151 0.03 20.61 -11.66
N PHE D 152 -0.76 21.68 -11.55
CA PHE D 152 -0.82 22.69 -12.59
C PHE D 152 -0.42 24.10 -12.12
N ALA D 153 -0.24 24.30 -10.82
CA ALA D 153 0.32 25.54 -10.32
C ALA D 153 1.10 25.28 -9.05
N THR D 154 1.98 26.23 -8.72
CA THR D 154 2.81 26.17 -7.53
CA THR D 154 2.85 26.19 -7.56
C THR D 154 2.73 27.52 -6.82
N ILE D 155 2.38 27.49 -5.53
CA ILE D 155 2.18 28.76 -4.81
C ILE D 155 3.55 29.41 -4.54
N VAL D 156 3.69 30.68 -4.91
CA VAL D 156 4.98 31.38 -4.81
C VAL D 156 5.00 32.52 -3.81
N GLU D 157 3.82 32.97 -3.39
CA GLU D 157 3.72 34.03 -2.39
C GLU D 157 2.54 33.77 -1.51
N GLY D 158 2.72 34.00 -0.22
CA GLY D 158 1.64 33.86 0.74
C GLY D 158 1.32 32.43 1.21
N LEU D 159 2.21 31.47 0.97
CA LEU D 159 1.91 30.10 1.37
C LEU D 159 1.73 29.92 2.87
N ASP D 160 2.57 30.59 3.65
CA ASP D 160 2.53 30.46 5.10
C ASP D 160 1.22 30.98 5.66
N GLU D 161 0.77 32.11 5.16
CA GLU D 161 -0.53 32.66 5.56
C GLU D 161 -1.68 31.74 5.15
N MSE D 162 -1.62 31.22 3.92
CA MSE D 162 -2.64 30.27 3.46
C MSE D 162 -2.65 29.02 4.35
O MSE D 162 -3.71 28.54 4.73
CB MSE D 162 -2.37 29.85 2.02
CG MSE D 162 -3.43 28.90 1.43
SE MSE D 162 -5.28 29.58 1.51
CE MSE D 162 -4.98 31.11 0.50
N ALA D 163 -1.48 28.49 4.67
CA ALA D 163 -1.42 27.29 5.52
C ALA D 163 -2.08 27.60 6.88
N ALA D 164 -1.79 28.76 7.45
CA ALA D 164 -2.44 29.13 8.71
C ALA D 164 -3.96 29.25 8.55
N ALA D 165 -4.44 29.85 7.46
CA ALA D 165 -5.89 29.89 7.22
C ALA D 165 -6.48 28.48 7.07
N CYS D 166 -5.74 27.58 6.42
CA CYS D 166 -6.25 26.22 6.19
C CYS D 166 -6.31 25.41 7.51
N GLN D 167 -5.34 25.63 8.40
CA GLN D 167 -5.40 24.97 9.71
C GLN D 167 -6.62 25.47 10.43
N ASP D 168 -6.92 26.75 10.25
CA ASP D 168 -8.10 27.34 10.83
C ASP D 168 -9.41 26.84 10.21
N ILE D 169 -9.39 26.44 8.92
CA ILE D 169 -10.56 25.74 8.34
C ILE D 169 -10.72 24.38 9.02
N TRP D 170 -9.61 23.70 9.24
CA TRP D 170 -9.63 22.39 9.91
C TRP D 170 -10.23 22.52 11.32
N MSE D 171 -9.78 23.49 12.10
CA MSE D 171 -10.21 23.60 13.48
C MSE D 171 -11.51 24.36 13.62
O MSE D 171 -12.32 24.04 14.47
CB MSE D 171 -9.14 24.28 14.37
CG MSE D 171 -7.88 23.41 14.64
SE MSE D 171 -8.25 21.59 15.26
CE MSE D 171 -9.13 22.18 16.88
N GLY D 172 -11.69 25.36 12.76
CA GLY D 172 -12.82 26.27 12.85
C GLY D 172 -13.96 26.03 11.87
N GLY D 173 -13.82 25.08 10.96
CA GLY D 173 -14.88 24.74 10.02
C GLY D 173 -14.80 25.51 8.72
N ALA D 174 -15.68 25.14 7.79
CA ALA D 174 -15.73 25.69 6.43
C ALA D 174 -17.03 26.41 6.12
N ARG D 175 -17.88 26.60 7.13
CA ARG D 175 -19.16 27.30 6.92
C ARG D 175 -18.97 28.68 6.33
N ASP D 176 -19.73 28.95 5.27
CA ASP D 176 -19.72 30.23 4.58
C ASP D 176 -18.34 30.60 4.03
N GLU D 177 -17.44 29.62 3.88
CA GLU D 177 -16.12 29.88 3.32
C GLU D 177 -16.12 29.41 1.89
N THR D 178 -15.48 30.20 1.03
CA THR D 178 -15.49 30.00 -0.42
C THR D 178 -14.05 30.04 -0.92
N LEU D 179 -13.63 29.03 -1.69
CA LEU D 179 -12.29 29.04 -2.26
C LEU D 179 -12.42 29.57 -3.68
N THR D 180 -11.70 30.67 -4.01
CA THR D 180 -11.75 31.26 -5.35
C THR D 180 -10.43 31.26 -6.10
N PHE D 181 -10.47 30.74 -7.33
CA PHE D 181 -9.32 30.80 -8.21
C PHE D 181 -9.56 31.87 -9.25
N SER D 182 -8.58 32.77 -9.42
CA SER D 182 -8.72 33.88 -10.35
C SER D 182 -7.42 34.23 -11.06
N ARG D 183 -7.53 34.97 -12.16
CA ARG D 183 -6.37 35.50 -12.87
C ARG D 183 -5.70 36.61 -12.08
N ALA D 184 -4.36 36.59 -12.04
CA ALA D 184 -3.60 37.61 -11.32
C ALA D 184 -3.26 38.71 -12.32
N ASN E 14 31.44 -18.84 18.06
CA ASN E 14 30.02 -18.95 17.61
C ASN E 14 29.71 -18.30 16.27
N LEU E 15 30.49 -18.64 15.23
CA LEU E 15 30.13 -18.25 13.86
CA LEU E 15 30.14 -18.25 13.85
C LEU E 15 29.14 -19.25 13.27
N TYR E 16 29.24 -20.52 13.67
CA TYR E 16 28.41 -21.61 13.13
C TYR E 16 28.47 -21.64 11.60
N PHE E 17 29.73 -21.70 11.15
CA PHE E 17 30.07 -21.65 9.73
C PHE E 17 29.51 -22.84 8.98
N GLN E 18 28.98 -22.58 7.80
CA GLN E 18 28.57 -23.65 6.89
C GLN E 18 29.32 -23.55 5.55
N GLY E 19 30.18 -24.51 5.28
CA GLY E 19 31.03 -24.45 4.09
C GLY E 19 30.47 -25.19 2.89
N MSE E 20 29.38 -25.92 3.08
CA MSE E 20 28.79 -26.71 2.01
C MSE E 20 27.26 -26.57 2.00
O MSE E 20 26.64 -26.32 3.05
CB MSE E 20 29.21 -28.14 2.19
CG MSE E 20 30.75 -28.34 2.14
SE MSE E 20 31.00 -30.19 2.41
CE MSE E 20 30.46 -30.88 0.67
N ALA E 21 26.66 -26.72 0.83
CA ALA E 21 25.23 -26.56 0.67
C ALA E 21 24.46 -27.53 1.59
N ARG E 22 23.50 -27.02 2.35
CA ARG E 22 22.56 -27.90 3.09
C ARG E 22 21.15 -27.77 2.49
N TYR E 23 20.39 -28.88 2.57
CA TYR E 23 19.07 -28.97 1.97
C TYR E 23 18.03 -29.46 2.98
N ILE E 24 16.82 -28.92 2.85
CA ILE E 24 15.66 -29.43 3.60
C ILE E 24 14.61 -30.01 2.63
N ASN E 25 13.88 -31.02 3.10
CA ASN E 25 12.72 -31.54 2.40
C ASN E 25 11.50 -30.90 2.98
N ILE E 26 10.51 -30.66 2.12
CA ILE E 26 9.26 -30.00 2.51
C ILE E 26 8.16 -30.85 1.91
N THR E 27 7.35 -31.41 2.81
CA THR E 27 6.46 -32.50 2.49
C THR E 27 5.06 -32.26 2.94
N LEU E 28 4.12 -32.53 2.04
CA LEU E 28 2.70 -32.64 2.41
C LEU E 28 2.40 -34.12 2.65
N GLU E 29 2.09 -34.46 3.90
CA GLU E 29 2.02 -35.88 4.32
C GLU E 29 0.86 -36.63 3.68
N LYS E 30 -0.32 -36.03 3.72
CA LYS E 30 -1.52 -36.71 3.20
C LYS E 30 -1.43 -36.87 1.70
N ARG E 31 -1.20 -35.78 0.98
CA ARG E 31 -1.03 -35.86 -0.48
C ARG E 31 0.23 -36.63 -0.92
N GLY E 32 1.22 -36.76 -0.04
CA GLY E 32 2.46 -37.45 -0.34
C GLY E 32 3.31 -36.74 -1.37
N VAL E 33 3.45 -35.43 -1.26
CA VAL E 33 4.26 -34.68 -2.20
C VAL E 33 5.38 -33.97 -1.42
N THR E 34 6.61 -34.08 -1.90
CA THR E 34 7.80 -33.51 -1.26
C THR E 34 8.55 -32.67 -2.29
N CYS E 35 9.07 -31.53 -1.88
CA CYS E 35 10.02 -30.83 -2.68
C CYS E 35 11.27 -30.61 -1.80
N LYS E 36 12.35 -30.16 -2.43
CA LYS E 36 13.63 -29.99 -1.74
C LYS E 36 14.11 -28.58 -1.91
N ALA E 37 14.61 -27.99 -0.82
CA ALA E 37 15.03 -26.60 -0.84
C ALA E 37 16.44 -26.47 -0.34
N LEU E 38 17.19 -25.57 -0.96
CA LEU E 38 18.50 -25.14 -0.51
C LEU E 38 18.32 -24.22 0.70
N LEU E 39 19.06 -24.48 1.77
CA LEU E 39 18.98 -23.65 2.98
C LEU E 39 19.93 -22.50 2.78
N LEU E 40 19.46 -21.26 3.01
CA LEU E 40 20.24 -20.06 2.74
C LEU E 40 21.13 -19.69 3.91
N ASP E 41 22.06 -20.63 4.16
CA ASP E 41 23.03 -20.46 5.25
C ASP E 41 23.89 -19.23 5.10
N ASP E 42 24.15 -18.78 3.88
CA ASP E 42 25.01 -17.63 3.73
C ASP E 42 24.29 -16.27 3.87
N VAL E 43 23.09 -16.10 3.29
CA VAL E 43 22.35 -14.83 3.45
C VAL E 43 21.35 -14.81 4.60
N ALA E 44 20.95 -15.97 5.11
CA ALA E 44 20.05 -16.01 6.26
C ALA E 44 20.61 -16.96 7.30
N PRO E 45 21.81 -16.66 7.80
CA PRO E 45 22.48 -17.63 8.67
C PRO E 45 21.75 -17.92 9.99
N ARG E 46 21.22 -16.91 10.65
CA ARG E 46 20.58 -17.09 11.98
C ARG E 46 19.29 -17.90 11.82
N THR E 47 18.47 -17.53 10.84
CA THR E 47 17.22 -18.25 10.57
C THR E 47 17.45 -19.71 10.13
N SER E 48 18.39 -19.90 9.19
CA SER E 48 18.76 -21.21 8.69
C SER E 48 19.16 -22.15 9.83
N LYS E 49 19.99 -21.65 10.73
CA LYS E 49 20.42 -22.42 11.89
C LYS E 49 19.25 -22.72 12.82
N ALA E 50 18.50 -21.68 13.16
CA ALA E 50 17.35 -21.87 14.08
C ALA E 50 16.44 -22.96 13.58
N VAL E 51 16.11 -22.93 12.27
CA VAL E 51 15.24 -23.93 11.69
C VAL E 51 15.93 -25.30 11.63
N TRP E 52 17.13 -25.34 11.05
CA TRP E 52 17.86 -26.62 10.92
C TRP E 52 17.99 -27.38 12.22
N ASP E 53 18.41 -26.67 13.26
CA ASP E 53 18.68 -27.26 14.56
C ASP E 53 17.44 -27.87 15.19
N ALA E 54 16.28 -27.41 14.78
CA ALA E 54 15.02 -27.80 15.38
C ALA E 54 14.18 -28.76 14.51
N LEU E 55 14.68 -29.16 13.33
CA LEU E 55 13.95 -30.07 12.46
C LEU E 55 13.92 -31.49 13.04
N PRO E 56 12.85 -32.24 12.77
CA PRO E 56 11.70 -31.85 11.96
C PRO E 56 10.70 -30.93 12.68
N GLN E 57 10.04 -30.08 11.90
CA GLN E 57 8.91 -29.29 12.37
C GLN E 57 7.72 -29.62 11.47
N SER E 58 6.60 -29.92 12.09
CA SER E 58 5.47 -30.52 11.41
C SER E 58 4.18 -30.09 12.09
N SER E 59 3.20 -29.64 11.29
CA SER E 59 1.91 -29.24 11.83
C SER E 59 0.88 -29.12 10.70
N GLN E 60 -0.38 -28.99 11.10
CA GLN E 60 -1.49 -28.69 10.21
C GLN E 60 -1.11 -27.61 9.16
N VAL E 61 -1.41 -27.85 7.90
CA VAL E 61 -1.17 -26.87 6.83
C VAL E 61 -2.35 -25.90 6.72
N PHE E 62 -2.07 -24.69 6.30
CA PHE E 62 -3.06 -23.71 5.97
C PHE E 62 -2.69 -23.08 4.65
N HIS E 63 -3.71 -22.68 3.87
CA HIS E 63 -3.46 -21.87 2.69
C HIS E 63 -3.60 -20.43 3.13
N GLY E 64 -2.75 -19.55 2.62
CA GLY E 64 -2.85 -18.13 2.92
C GLY E 64 -4.14 -17.54 2.38
N LYS E 65 -4.64 -16.50 3.08
CA LYS E 65 -5.80 -15.77 2.67
C LYS E 65 -5.44 -14.37 2.16
N TYR E 66 -4.25 -13.86 2.50
CA TYR E 66 -3.84 -12.54 1.99
C TYR E 66 -2.55 -12.51 1.17
N ALA E 67 -1.58 -13.37 1.51
CA ALA E 67 -0.26 -13.41 0.85
C ALA E 67 -0.30 -14.15 -0.47
N ARG E 68 -1.48 -14.62 -0.85
CA ARG E 68 -1.76 -15.20 -2.15
C ARG E 68 -1.27 -16.63 -2.35
N ASN E 69 -0.21 -16.84 -3.12
CA ASN E 69 0.23 -18.21 -3.48
C ASN E 69 1.14 -18.81 -2.40
N GLU E 70 0.53 -19.05 -1.25
CA GLU E 70 1.22 -19.38 -0.02
C GLU E 70 0.53 -20.50 0.73
N ILE E 71 1.30 -21.49 1.20
CA ILE E 71 0.83 -22.39 2.22
C ILE E 71 1.80 -22.26 3.39
N TYR E 72 1.37 -22.61 4.60
CA TYR E 72 2.23 -22.50 5.77
C TYR E 72 1.75 -23.39 6.90
N ASN E 73 2.61 -23.59 7.89
CA ASN E 73 2.16 -24.15 9.16
C ASN E 73 2.53 -23.21 10.30
N LEU E 74 2.08 -23.53 11.50
CA LEU E 74 2.26 -22.72 12.70
C LEU E 74 2.74 -23.65 13.81
N VAL E 75 3.89 -23.33 14.37
CA VAL E 75 4.49 -24.14 15.41
C VAL E 75 4.93 -23.26 16.61
N PRO E 76 4.90 -23.82 17.84
CA PRO E 76 5.56 -23.16 18.95
C PRO E 76 7.03 -22.78 18.65
N ALA E 77 7.44 -21.62 19.16
CA ALA E 77 8.83 -21.16 19.08
C ALA E 77 9.72 -22.31 19.47
N PHE E 78 10.80 -22.48 18.72
CA PHE E 78 11.71 -23.61 18.91
C PHE E 78 13.16 -23.17 19.10
N ALA E 79 13.52 -21.96 18.67
CA ALA E 79 14.91 -21.49 18.79
C ALA E 79 15.26 -20.98 20.16
N PRO E 80 16.53 -21.11 20.57
CA PRO E 80 16.90 -20.52 21.86
C PRO E 80 16.61 -19.03 21.87
N LYS E 81 16.87 -18.36 20.75
CA LYS E 81 16.38 -17.00 20.56
C LYS E 81 15.95 -16.76 19.13
N GLU E 82 14.95 -15.92 18.97
CA GLU E 82 14.40 -15.68 17.64
C GLU E 82 15.46 -14.97 16.81
N PRO E 83 15.49 -15.24 15.48
CA PRO E 83 16.55 -14.68 14.63
C PRO E 83 16.46 -13.19 14.43
N GLY E 84 15.28 -12.62 14.61
CA GLY E 84 15.03 -11.24 14.18
C GLY E 84 14.94 -11.10 12.67
N ALA E 85 14.70 -9.89 12.21
CA ALA E 85 14.68 -9.59 10.77
C ALA E 85 15.99 -10.02 10.10
N GLU E 86 15.87 -10.81 9.03
CA GLU E 86 17.02 -11.35 8.32
C GLU E 86 16.60 -11.73 6.89
N ASN E 87 17.28 -11.17 5.88
CA ASN E 87 16.99 -11.48 4.48
C ASN E 87 15.49 -11.35 4.16
N THR E 88 14.88 -10.25 4.61
CA THR E 88 13.43 -10.15 4.56
C THR E 88 12.87 -9.79 3.17
N THR E 89 11.62 -10.17 2.93
CA THR E 89 10.87 -9.79 1.78
C THR E 89 9.44 -9.42 2.18
N VAL E 90 8.84 -8.46 1.46
CA VAL E 90 7.37 -8.32 1.41
C VAL E 90 6.78 -8.66 0.03
N THR E 91 7.65 -9.07 -0.89
CA THR E 91 7.31 -9.53 -2.22
C THR E 91 7.91 -10.93 -2.42
N PRO E 92 7.38 -11.94 -1.70
CA PRO E 92 7.94 -13.29 -1.89
C PRO E 92 7.66 -13.85 -3.30
N ILE E 93 8.60 -14.68 -3.76
CA ILE E 93 8.60 -15.22 -5.13
C ILE E 93 8.44 -16.74 -5.16
N PRO E 94 8.12 -17.34 -6.34
CA PRO E 94 7.96 -18.79 -6.36
C PRO E 94 9.21 -19.47 -5.83
N GLY E 95 9.03 -20.43 -4.93
CA GLY E 95 10.14 -21.18 -4.38
C GLY E 95 10.66 -20.66 -3.04
N ASP E 96 10.25 -19.44 -2.66
CA ASP E 96 10.67 -18.87 -1.38
C ASP E 96 10.11 -19.69 -0.20
N VAL E 97 10.95 -19.93 0.79
CA VAL E 97 10.50 -20.47 2.07
C VAL E 97 10.85 -19.43 3.11
N CYS E 98 9.84 -19.01 3.87
CA CYS E 98 9.94 -17.89 4.79
C CYS E 98 9.66 -18.29 6.25
N TYR E 99 10.25 -17.52 7.15
CA TYR E 99 10.08 -17.69 8.57
C TYR E 99 9.53 -16.37 9.11
N PHE E 100 8.48 -16.44 9.94
CA PHE E 100 7.88 -15.30 10.63
C PHE E 100 7.79 -15.64 12.11
N THR E 101 8.16 -14.67 12.94
CA THR E 101 7.94 -14.71 14.40
C THR E 101 6.69 -13.91 14.67
N PHE E 102 5.69 -14.52 15.31
CA PHE E 102 4.46 -13.82 15.70
C PHE E 102 4.18 -14.07 17.18
N THR E 103 3.27 -13.30 17.76
CA THR E 103 2.70 -13.60 19.06
C THR E 103 1.27 -14.08 18.84
N SER E 104 0.69 -14.70 19.86
CA SER E 104 -0.73 -15.03 19.84
C SER E 104 -1.64 -13.86 19.37
N ASN E 105 -1.33 -12.64 19.80
CA ASN E 105 -2.12 -11.46 19.42
C ASN E 105 -2.10 -11.17 17.91
N ASP E 106 -0.98 -11.48 17.28
CA ASP E 106 -0.90 -11.35 15.84
C ASP E 106 -1.88 -12.27 15.11
N LEU E 107 -2.09 -13.48 15.64
CA LEU E 107 -2.74 -14.57 14.89
C LEU E 107 -4.15 -14.87 15.38
N LYS E 108 -4.31 -14.94 16.70
CA LYS E 108 -5.61 -15.25 17.28
C LYS E 108 -6.53 -14.01 17.20
N THR E 109 -6.96 -13.68 15.98
CA THR E 109 -7.79 -12.49 15.72
C THR E 109 -9.06 -12.88 14.95
N PRO E 110 -10.11 -12.06 15.08
CA PRO E 110 -11.28 -12.20 14.22
C PRO E 110 -10.91 -12.23 12.72
N SER E 111 -10.04 -11.32 12.30
CA SER E 111 -9.63 -11.19 10.89
C SER E 111 -8.98 -12.45 10.34
N HIS E 112 -8.36 -13.27 11.21
CA HIS E 112 -7.74 -14.55 10.82
C HIS E 112 -8.77 -15.69 10.75
N GLY E 113 -9.61 -15.78 11.77
CA GLY E 113 -10.68 -16.76 11.81
C GLY E 113 -10.20 -18.21 11.78
N TYR E 114 -9.15 -18.50 12.55
CA TYR E 114 -8.72 -19.90 12.77
C TYR E 114 -9.81 -20.71 13.49
N GLU E 115 -9.84 -22.01 13.20
CA GLU E 115 -10.83 -22.94 13.81
C GLU E 115 -10.47 -23.38 15.23
N VAL E 123 -0.13 -15.04 26.19
CA VAL E 123 0.97 -14.65 25.30
C VAL E 123 1.94 -15.81 25.09
N GLN E 124 2.19 -16.13 23.82
CA GLN E 124 3.08 -17.21 23.44
C GLN E 124 3.73 -16.84 22.09
N THR E 125 4.95 -17.30 21.83
CA THR E 125 5.64 -17.01 20.56
C THR E 125 5.38 -18.19 19.64
N ILE E 126 4.92 -17.87 18.45
CA ILE E 126 4.54 -18.83 17.41
CA ILE E 126 4.55 -18.83 17.41
C ILE E 126 5.35 -18.51 16.15
N VAL E 127 5.84 -19.54 15.49
CA VAL E 127 6.57 -19.39 14.25
C VAL E 127 5.69 -19.89 13.11
N ASP E 128 5.61 -19.08 12.05
CA ASP E 128 4.94 -19.43 10.82
C ASP E 128 6.05 -19.81 9.83
N LEU E 129 5.98 -21.03 9.30
CA LEU E 129 6.92 -21.48 8.27
C LEU E 129 6.10 -21.61 6.99
N ALA E 130 6.45 -20.81 5.99
CA ALA E 130 5.65 -20.61 4.80
C ALA E 130 6.40 -20.99 3.53
N VAL E 131 5.64 -21.48 2.56
CA VAL E 131 6.12 -21.82 1.24
C VAL E 131 5.32 -21.05 0.23
N PHE E 132 6.02 -20.29 -0.62
CA PHE E 132 5.40 -19.57 -1.72
C PHE E 132 5.57 -20.40 -3.00
N TYR E 133 4.44 -20.78 -3.59
CA TYR E 133 4.42 -21.65 -4.74
C TYR E 133 4.10 -20.96 -6.08
N GLY E 134 3.79 -19.67 -6.03
CA GLY E 134 3.47 -18.86 -7.23
C GLY E 134 3.95 -17.45 -7.00
N ARG E 135 3.60 -16.57 -7.94
CA ARG E 135 4.18 -15.24 -7.98
C ARG E 135 3.09 -14.21 -7.70
N ASN E 136 3.49 -12.94 -7.73
CA ASN E 136 2.59 -11.80 -7.60
C ASN E 136 1.87 -11.80 -6.23
N ASN E 137 2.71 -12.02 -5.21
CA ASN E 137 2.33 -12.09 -3.80
C ASN E 137 2.75 -10.79 -3.07
N LEU E 138 1.91 -10.30 -2.14
CA LEU E 138 2.29 -9.19 -1.26
C LEU E 138 2.08 -9.60 0.17
N LEU E 139 3.11 -9.46 1.00
CA LEU E 139 3.01 -9.79 2.43
C LEU E 139 2.52 -8.53 3.14
N LEU E 140 1.22 -8.31 3.01
CA LEU E 140 0.55 -7.12 3.47
C LEU E 140 -0.86 -7.56 3.89
N ASN E 141 -1.28 -7.13 5.08
CA ASN E 141 -2.64 -7.37 5.54
C ASN E 141 -3.29 -6.16 6.22
N GLY E 142 -4.59 -6.25 6.46
CA GLY E 142 -5.36 -5.20 7.06
C GLY E 142 -5.36 -5.18 8.58
N ASP E 143 -4.58 -6.08 9.19
CA ASP E 143 -4.31 -6.00 10.65
C ASP E 143 -3.21 -4.98 10.97
N THR E 144 -2.10 -5.05 10.23
CA THR E 144 -0.91 -4.26 10.58
CA THR E 144 -0.95 -4.23 10.56
C THR E 144 -0.19 -3.58 9.40
N GLY E 145 -0.58 -3.89 8.17
CA GLY E 145 0.17 -3.39 7.02
C GLY E 145 1.15 -4.43 6.55
N TRP E 146 2.42 -4.03 6.37
CA TRP E 146 3.41 -4.95 5.80
C TRP E 146 3.83 -5.97 6.86
N VAL E 147 3.99 -7.24 6.47
CA VAL E 147 4.41 -8.34 7.34
CA VAL E 147 4.48 -8.29 7.38
C VAL E 147 5.64 -9.04 6.70
N PRO E 148 6.85 -8.47 6.85
CA PRO E 148 7.99 -9.08 6.19
C PRO E 148 8.32 -10.46 6.73
N GLY E 149 8.73 -11.35 5.84
CA GLY E 149 9.12 -12.72 6.19
C GLY E 149 10.62 -12.88 5.90
N ASN E 150 11.32 -13.67 6.72
CA ASN E 150 12.73 -13.95 6.51
C ASN E 150 12.82 -15.04 5.46
N VAL E 151 13.47 -14.76 4.33
CA VAL E 151 13.60 -15.78 3.32
C VAL E 151 14.83 -16.62 3.73
N PHE E 152 14.61 -17.90 4.05
CA PHE E 152 15.70 -18.76 4.57
C PHE E 152 15.96 -20.02 3.75
N ALA E 153 15.10 -20.32 2.81
CA ALA E 153 15.36 -21.42 1.85
C ALA E 153 14.76 -21.10 0.47
N THR E 154 15.26 -21.81 -0.55
CA THR E 154 14.71 -21.70 -1.86
CA THR E 154 14.81 -21.68 -1.93
C THR E 154 14.55 -23.09 -2.48
N ILE E 155 13.33 -23.37 -2.97
CA ILE E 155 13.01 -24.71 -3.49
C ILE E 155 13.78 -24.90 -4.81
N VAL E 156 14.54 -25.99 -4.91
CA VAL E 156 15.38 -26.27 -6.05
C VAL E 156 14.95 -27.53 -6.79
N GLU E 157 14.11 -28.35 -6.19
CA GLU E 157 13.53 -29.50 -6.90
C GLU E 157 12.09 -29.72 -6.48
N GLY E 158 11.25 -30.04 -7.46
CA GLY E 158 9.86 -30.41 -7.21
C GLY E 158 8.92 -29.22 -7.02
N LEU E 159 9.34 -28.02 -7.39
CA LEU E 159 8.49 -26.83 -7.24
C LEU E 159 7.17 -26.98 -8.00
N ASP E 160 7.21 -27.41 -9.25
CA ASP E 160 5.97 -27.58 -10.04
C ASP E 160 4.96 -28.54 -9.37
N GLU E 161 5.47 -29.65 -8.86
CA GLU E 161 4.65 -30.63 -8.19
C GLU E 161 4.05 -30.07 -6.89
N MSE E 162 4.88 -29.38 -6.11
CA MSE E 162 4.40 -28.74 -4.91
C MSE E 162 3.33 -27.70 -5.26
O MSE E 162 2.30 -27.62 -4.60
CB MSE E 162 5.56 -28.09 -4.12
CG MSE E 162 5.14 -27.38 -2.86
SE MSE E 162 4.22 -28.59 -1.59
CE MSE E 162 5.57 -29.90 -1.56
N ALA E 163 3.54 -26.93 -6.35
CA ALA E 163 2.60 -25.87 -6.73
C ALA E 163 1.25 -26.49 -7.05
N ALA E 164 1.28 -27.61 -7.76
CA ALA E 164 0.06 -28.36 -8.08
C ALA E 164 -0.63 -28.85 -6.80
N ALA E 165 0.13 -29.37 -5.84
CA ALA E 165 -0.45 -29.85 -4.59
C ALA E 165 -1.11 -28.69 -3.81
N CYS E 166 -0.50 -27.49 -3.89
CA CYS E 166 -1.00 -26.31 -3.15
C CYS E 166 -2.29 -25.77 -3.78
N GLN E 167 -2.38 -25.81 -5.11
CA GLN E 167 -3.63 -25.46 -5.76
CA GLN E 167 -3.62 -25.54 -5.83
C GLN E 167 -4.71 -26.48 -5.30
N ASP E 168 -4.33 -27.74 -5.08
CA ASP E 168 -5.28 -28.74 -4.61
C ASP E 168 -5.68 -28.52 -3.14
N ILE E 169 -4.79 -27.92 -2.36
CA ILE E 169 -5.15 -27.49 -0.99
C ILE E 169 -6.12 -26.31 -1.06
N TRP E 170 -5.87 -25.38 -1.96
CA TRP E 170 -6.75 -24.24 -2.15
C TRP E 170 -8.14 -24.70 -2.55
N MSE E 171 -8.23 -25.61 -3.53
CA MSE E 171 -9.52 -26.08 -4.03
C MSE E 171 -10.11 -27.25 -3.23
O MSE E 171 -11.35 -27.34 -3.12
CB MSE E 171 -9.40 -26.46 -5.50
CG MSE E 171 -9.10 -25.28 -6.45
SE MSE E 171 -10.34 -23.75 -6.31
CE MSE E 171 -11.88 -24.82 -6.79
N GLY E 172 -9.25 -28.15 -2.74
CA GLY E 172 -9.68 -29.37 -2.06
C GLY E 172 -9.55 -29.36 -0.56
N GLY E 173 -9.05 -28.28 0.03
CA GLY E 173 -8.99 -28.17 1.49
C GLY E 173 -7.71 -28.72 2.09
N ALA E 174 -7.54 -28.46 3.39
CA ALA E 174 -6.38 -28.84 4.14
C ALA E 174 -6.70 -29.83 5.26
N ARG E 175 -7.91 -30.42 5.23
CA ARG E 175 -8.31 -31.34 6.28
C ARG E 175 -7.34 -32.53 6.35
N ASP E 176 -6.88 -32.84 7.55
CA ASP E 176 -5.96 -33.95 7.78
C ASP E 176 -4.65 -33.83 6.99
N GLU E 177 -4.33 -32.64 6.49
CA GLU E 177 -3.07 -32.44 5.76
C GLU E 177 -2.08 -31.76 6.69
N THR E 178 -0.82 -32.17 6.59
CA THR E 178 0.24 -31.74 7.48
C THR E 178 1.45 -31.32 6.65
N LEU E 179 2.00 -30.15 6.96
CA LEU E 179 3.22 -29.66 6.33
C LEU E 179 4.45 -29.95 7.21
N THR E 180 5.42 -30.67 6.65
CA THR E 180 6.57 -31.13 7.42
C THR E 180 7.90 -30.69 6.81
N PHE E 181 8.68 -29.99 7.61
CA PHE E 181 10.03 -29.61 7.23
C PHE E 181 10.99 -30.58 7.88
N SER E 182 11.89 -31.17 7.06
CA SER E 182 12.89 -32.13 7.57
C SER E 182 14.25 -31.94 6.90
N ARG E 183 15.32 -32.40 7.56
CA ARG E 183 16.66 -32.38 6.99
C ARG E 183 16.74 -33.36 5.83
N ALA E 184 17.32 -32.94 4.71
CA ALA E 184 17.64 -33.87 3.63
C ALA E 184 19.09 -34.29 3.85
N GLU E 185 19.39 -35.59 3.89
CA GLU E 185 20.76 -36.05 4.17
C GLU E 185 20.89 -37.45 3.68
N SER F 3 -16.19 -29.14 14.84
CA SER F 3 -16.50 -30.18 15.89
C SER F 3 -17.60 -29.67 16.83
N ASP F 4 -18.33 -30.60 17.44
CA ASP F 4 -19.42 -30.21 18.36
C ASP F 4 -18.86 -29.52 19.61
N LYS F 5 -17.72 -30.02 20.10
CA LYS F 5 -17.00 -29.46 21.25
C LYS F 5 -16.61 -28.01 20.97
N ILE F 6 -15.94 -27.77 19.83
CA ILE F 6 -15.55 -26.43 19.43
CA ILE F 6 -15.55 -26.41 19.43
C ILE F 6 -16.77 -25.49 19.30
N HIS F 7 -17.84 -25.99 18.66
CA HIS F 7 -19.06 -25.21 18.46
C HIS F 7 -19.62 -24.74 19.79
N HIS F 8 -19.74 -25.70 20.70
CA HIS F 8 -20.30 -25.46 22.02
C HIS F 8 -19.40 -24.52 22.83
N HIS F 9 -18.09 -24.73 22.73
CA HIS F 9 -17.14 -23.84 23.42
C HIS F 9 -17.33 -22.39 22.97
N HIS F 10 -17.28 -22.18 21.64
CA HIS F 10 -17.54 -20.88 21.02
C HIS F 10 -18.84 -20.27 21.53
N HIS F 11 -19.90 -21.07 21.54
CA HIS F 11 -21.21 -20.57 21.97
C HIS F 11 -21.18 -20.18 23.45
N HIS F 12 -20.53 -21.01 24.25
CA HIS F 12 -20.37 -20.77 25.68
C HIS F 12 -19.57 -19.47 25.92
N GLU F 13 -18.46 -19.33 25.19
CA GLU F 13 -17.60 -18.15 25.28
C GLU F 13 -18.37 -16.86 24.95
N ASN F 14 -19.18 -16.92 23.90
CA ASN F 14 -19.99 -15.78 23.51
CA ASN F 14 -20.01 -15.80 23.49
C ASN F 14 -21.00 -15.37 24.60
N LEU F 15 -21.67 -16.35 25.19
CA LEU F 15 -22.61 -16.09 26.27
C LEU F 15 -21.92 -15.49 27.50
N TYR F 16 -20.76 -16.03 27.84
CA TYR F 16 -19.96 -15.48 28.94
C TYR F 16 -19.68 -13.98 28.75
N PHE F 17 -19.15 -13.64 27.57
CA PHE F 17 -18.79 -12.25 27.30
C PHE F 17 -20.02 -11.34 27.21
N GLN F 18 -21.12 -11.87 26.69
CA GLN F 18 -22.40 -11.16 26.74
C GLN F 18 -22.82 -10.87 28.18
N GLY F 19 -22.70 -11.90 29.04
CA GLY F 19 -23.08 -11.82 30.46
C GLY F 19 -22.30 -10.78 31.26
N MSE F 20 -21.01 -10.65 30.96
CA MSE F 20 -20.24 -9.60 31.58
C MSE F 20 -20.03 -8.37 30.70
O MSE F 20 -19.12 -7.60 30.98
CB MSE F 20 -18.88 -10.14 32.01
CG MSE F 20 -17.93 -10.54 30.83
SE MSE F 20 -15.94 -10.42 31.13
CE MSE F 20 -15.82 -8.42 30.94
N ALA F 21 -20.81 -8.19 29.64
CA ALA F 21 -20.62 -7.08 28.74
C ALA F 21 -20.55 -5.78 29.55
N ARG F 22 -19.51 -5.01 29.34
CA ARG F 22 -19.53 -3.61 29.83
C ARG F 22 -19.46 -2.61 28.70
N TYR F 23 -19.94 -1.40 28.96
CA TYR F 23 -20.16 -0.40 27.95
C TYR F 23 -19.56 0.92 28.36
N ILE F 24 -19.17 1.70 27.35
CA ILE F 24 -18.71 3.06 27.56
C ILE F 24 -19.60 4.01 26.75
N ASN F 25 -19.77 5.20 27.29
CA ASN F 25 -20.38 6.30 26.58
C ASN F 25 -19.31 7.16 25.95
N ILE F 26 -19.60 7.61 24.74
CA ILE F 26 -18.70 8.45 23.98
C ILE F 26 -19.51 9.67 23.57
N THR F 27 -19.08 10.83 24.04
CA THR F 27 -19.89 12.05 24.05
C THR F 27 -19.13 13.22 23.47
N LEU F 28 -19.82 14.00 22.65
CA LEU F 28 -19.38 15.31 22.24
C LEU F 28 -20.12 16.32 23.10
N GLU F 29 -19.38 17.07 23.90
CA GLU F 29 -19.98 17.83 25.00
C GLU F 29 -20.70 19.07 24.53
N LYS F 30 -20.18 19.74 23.52
CA LYS F 30 -20.77 20.98 23.03
C LYS F 30 -21.96 20.66 22.17
N ARG F 31 -21.82 19.78 21.21
CA ARG F 31 -22.99 19.36 20.43
C ARG F 31 -23.99 18.51 21.25
N GLY F 32 -23.56 17.95 22.38
CA GLY F 32 -24.45 17.17 23.21
C GLY F 32 -24.93 15.87 22.59
N VAL F 33 -24.03 15.18 21.90
CA VAL F 33 -24.35 13.92 21.26
C VAL F 33 -23.54 12.81 21.90
N THR F 34 -24.22 11.72 22.26
CA THR F 34 -23.59 10.58 22.90
C THR F 34 -23.94 9.30 22.18
N CYS F 35 -22.97 8.40 22.07
CA CYS F 35 -23.26 7.07 21.60
C CYS F 35 -22.71 6.09 22.65
N LYS F 36 -23.10 4.83 22.54
CA LYS F 36 -22.67 3.81 23.48
C LYS F 36 -21.95 2.71 22.73
N ALA F 37 -20.86 2.24 23.33
CA ALA F 37 -19.99 1.24 22.74
C ALA F 37 -19.77 0.10 23.69
N LEU F 38 -19.78 -1.11 23.13
CA LEU F 38 -19.44 -2.31 23.83
C LEU F 38 -17.94 -2.43 23.87
N LEU F 39 -17.43 -2.70 25.07
CA LEU F 39 -16.03 -2.87 25.26
C LEU F 39 -15.64 -4.30 24.88
N LEU F 40 -14.58 -4.46 24.09
CA LEU F 40 -14.24 -5.76 23.50
C LEU F 40 -13.29 -6.54 24.44
N ASP F 41 -13.84 -6.93 25.59
CA ASP F 41 -13.09 -7.68 26.61
C ASP F 41 -12.65 -9.04 26.13
N ASP F 42 -13.37 -9.62 25.17
CA ASP F 42 -12.96 -10.91 24.57
C ASP F 42 -11.69 -10.81 23.71
N VAL F 43 -11.66 -9.89 22.75
CA VAL F 43 -10.53 -9.82 21.79
C VAL F 43 -9.51 -8.70 22.06
N ALA F 44 -9.87 -7.71 22.88
CA ALA F 44 -8.97 -6.61 23.26
C ALA F 44 -8.99 -6.46 24.78
N PRO F 45 -8.68 -7.54 25.54
CA PRO F 45 -8.77 -7.46 27.01
C PRO F 45 -7.85 -6.45 27.61
N ARG F 46 -6.60 -6.38 27.13
CA ARG F 46 -5.64 -5.46 27.74
C ARG F 46 -6.03 -3.99 27.50
N THR F 47 -6.40 -3.67 26.26
CA THR F 47 -6.74 -2.28 25.93
C THR F 47 -8.06 -1.87 26.59
N SER F 48 -9.02 -2.80 26.65
CA SER F 48 -10.31 -2.51 27.26
C SER F 48 -10.13 -2.18 28.74
N LYS F 49 -9.29 -2.97 29.41
CA LYS F 49 -8.99 -2.71 30.83
C LYS F 49 -8.28 -1.39 31.03
N ALA F 50 -7.25 -1.13 30.21
CA ALA F 50 -6.42 0.08 30.34
C ALA F 50 -7.32 1.31 30.22
N VAL F 51 -8.21 1.29 29.24
CA VAL F 51 -9.15 2.39 29.07
C VAL F 51 -10.20 2.46 30.21
N TRP F 52 -10.91 1.37 30.47
CA TRP F 52 -11.92 1.33 31.55
C TRP F 52 -11.37 1.90 32.85
N ASP F 53 -10.22 1.37 33.26
CA ASP F 53 -9.59 1.73 34.54
C ASP F 53 -9.36 3.24 34.67
N ALA F 54 -9.11 3.90 33.55
CA ALA F 54 -8.72 5.32 33.54
C ALA F 54 -9.83 6.29 33.23
N LEU F 55 -11.05 5.79 32.96
CA LEU F 55 -12.15 6.68 32.62
C LEU F 55 -12.60 7.48 33.85
N PRO F 56 -13.09 8.70 33.61
CA PRO F 56 -13.29 9.25 32.26
C PRO F 56 -12.02 9.83 31.63
N GLN F 57 -12.02 9.93 30.30
CA GLN F 57 -10.97 10.62 29.54
C GLN F 57 -11.64 11.59 28.58
N SER F 58 -11.13 12.81 28.59
CA SER F 58 -11.82 13.90 27.99
C SER F 58 -10.84 14.93 27.52
N SER F 59 -10.96 15.30 26.27
CA SER F 59 -10.07 16.30 25.73
C SER F 59 -10.60 16.84 24.40
N GLN F 60 -10.00 17.93 23.95
CA GLN F 60 -10.32 18.57 22.66
C GLN F 60 -10.44 17.53 21.57
N VAL F 61 -11.49 17.64 20.77
CA VAL F 61 -11.71 16.72 19.66
C VAL F 61 -10.99 17.20 18.39
N PHE F 62 -10.58 16.26 17.56
CA PHE F 62 -10.03 16.58 16.25
C PHE F 62 -10.68 15.69 15.21
N HIS F 63 -10.90 16.22 14.02
CA HIS F 63 -11.28 15.39 12.90
C HIS F 63 -10.03 14.89 12.18
N GLY F 64 -10.02 13.62 11.76
CA GLY F 64 -8.83 13.10 11.07
C GLY F 64 -8.59 13.79 9.75
N LYS F 65 -7.31 13.90 9.38
CA LYS F 65 -6.93 14.44 8.07
C LYS F 65 -6.43 13.36 7.11
N TYR F 66 -6.02 12.20 7.63
CA TYR F 66 -5.64 11.11 6.73
C TYR F 66 -6.47 9.84 6.85
N ALA F 67 -6.97 9.54 8.04
CA ALA F 67 -7.68 8.28 8.30
C ALA F 67 -9.17 8.33 7.89
N ARG F 68 -9.56 9.47 7.35
CA ARG F 68 -10.84 9.69 6.71
C ARG F 68 -12.00 9.89 7.66
N ASN F 69 -12.86 8.88 7.86
CA ASN F 69 -14.07 9.06 8.66
C ASN F 69 -13.80 8.82 10.14
N GLU F 70 -13.01 9.73 10.67
CA GLU F 70 -12.45 9.63 12.02
C GLU F 70 -12.58 10.93 12.82
N ILE F 71 -12.94 10.82 14.10
CA ILE F 71 -12.66 11.88 15.07
C ILE F 71 -11.85 11.26 16.20
N TYR F 72 -11.12 12.08 16.94
CA TYR F 72 -10.30 11.54 18.01
C TYR F 72 -9.93 12.62 19.03
N ASN F 73 -9.43 12.20 20.19
CA ASN F 73 -8.80 13.11 21.11
C ASN F 73 -7.42 12.57 21.41
N LEU F 74 -6.63 13.37 22.12
CA LEU F 74 -5.27 13.02 22.52
C LEU F 74 -5.13 13.31 24.00
N VAL F 75 -4.71 12.32 24.77
CA VAL F 75 -4.56 12.46 26.21
C VAL F 75 -3.19 11.91 26.65
N PRO F 76 -2.66 12.40 27.78
CA PRO F 76 -1.47 11.78 28.32
C PRO F 76 -1.71 10.30 28.62
N ALA F 77 -0.66 9.48 28.48
CA ALA F 77 -0.74 8.07 28.84
C ALA F 77 -1.29 7.91 30.28
N PHE F 78 -2.12 6.91 30.48
CA PHE F 78 -2.80 6.72 31.77
C PHE F 78 -2.60 5.32 32.33
N ALA F 79 -2.23 4.35 31.50
CA ALA F 79 -2.09 2.96 31.95
C ALA F 79 -0.74 2.78 32.59
N PRO F 80 -0.64 1.89 33.59
CA PRO F 80 0.70 1.68 34.15
C PRO F 80 1.66 1.13 33.11
N LYS F 81 1.18 0.29 32.21
CA LYS F 81 1.93 -0.02 31.00
C LYS F 81 1.03 -0.11 29.79
N GLU F 82 1.57 0.33 28.66
CA GLU F 82 0.82 0.34 27.43
C GLU F 82 0.45 -1.07 27.04
N PRO F 83 -0.71 -1.23 26.41
CA PRO F 83 -1.18 -2.57 26.09
C PRO F 83 -0.39 -3.26 25.01
N GLY F 84 0.32 -2.51 24.17
CA GLY F 84 0.93 -3.05 22.98
C GLY F 84 -0.10 -3.42 21.92
N ALA F 85 0.39 -3.95 20.81
CA ALA F 85 -0.50 -4.32 19.67
C ALA F 85 -1.55 -5.35 20.11
N GLU F 86 -2.81 -5.03 19.90
CA GLU F 86 -3.91 -5.92 20.30
C GLU F 86 -5.12 -5.67 19.40
N ASN F 87 -5.62 -6.72 18.74
CA ASN F 87 -6.77 -6.63 17.86
C ASN F 87 -6.67 -5.47 16.88
N THR F 88 -5.51 -5.35 16.25
CA THR F 88 -5.23 -4.18 15.43
C THR F 88 -5.90 -4.22 14.07
N THR F 89 -6.14 -3.02 13.56
CA THR F 89 -6.57 -2.81 12.21
C THR F 89 -5.79 -1.66 11.53
N VAL F 90 -5.65 -1.78 10.21
CA VAL F 90 -5.33 -0.58 9.41
C VAL F 90 -6.48 -0.21 8.48
N THR F 91 -7.59 -0.93 8.61
CA THR F 91 -8.79 -0.75 7.85
C THR F 91 -9.96 -0.61 8.82
N PRO F 92 -9.98 0.49 9.61
CA PRO F 92 -11.09 0.62 10.53
C PRO F 92 -12.44 0.82 9.85
N ILE F 93 -13.48 0.32 10.51
CA ILE F 93 -14.82 0.28 9.95
C ILE F 93 -15.82 1.07 10.79
N PRO F 94 -17.03 1.35 10.22
CA PRO F 94 -17.95 2.18 10.99
C PRO F 94 -18.23 1.53 12.34
N GLY F 95 -18.20 2.33 13.37
CA GLY F 95 -18.42 1.87 14.72
C GLY F 95 -17.20 1.48 15.51
N ASP F 96 -16.05 1.32 14.87
CA ASP F 96 -14.82 1.00 15.58
C ASP F 96 -14.39 2.13 16.51
N VAL F 97 -13.88 1.72 17.64
CA VAL F 97 -13.23 2.60 18.58
C VAL F 97 -11.83 2.10 18.78
N CYS F 98 -10.87 2.97 18.50
CA CYS F 98 -9.46 2.58 18.46
C CYS F 98 -8.57 3.28 19.49
N TYR F 99 -7.50 2.59 19.87
CA TYR F 99 -6.49 3.08 20.78
C TYR F 99 -5.15 3.01 20.06
N PHE F 100 -4.42 4.14 20.07
CA PHE F 100 -3.06 4.22 19.56
C PHE F 100 -2.15 4.79 20.64
N THR F 101 -0.97 4.21 20.74
CA THR F 101 0.12 4.77 21.57
C THR F 101 1.09 5.53 20.65
N PHE F 102 1.30 6.80 20.94
CA PHE F 102 2.25 7.64 20.22
C PHE F 102 3.26 8.24 21.20
N THR F 103 4.31 8.85 20.67
CA THR F 103 5.19 9.73 21.47
C THR F 103 5.00 11.18 21.02
N SER F 104 5.57 12.13 21.75
CA SER F 104 5.53 13.55 21.35
C SER F 104 6.05 13.79 19.92
N ASN F 105 7.01 12.96 19.51
CA ASN F 105 7.61 13.04 18.17
C ASN F 105 6.68 12.65 17.04
N ASP F 106 5.79 11.69 17.30
CA ASP F 106 4.83 11.25 16.30
C ASP F 106 3.94 12.43 15.93
N LEU F 107 3.49 13.17 16.94
CA LEU F 107 2.39 14.11 16.75
C LEU F 107 2.86 15.57 16.61
N LYS F 108 3.89 15.97 17.36
CA LYS F 108 4.36 17.36 17.24
C LYS F 108 4.83 17.64 15.82
N VAL F 123 10.47 13.40 26.34
CA VAL F 123 9.77 12.52 25.41
C VAL F 123 8.63 11.77 26.11
N GLN F 124 7.40 12.23 25.82
CA GLN F 124 6.18 11.85 26.54
C GLN F 124 5.34 10.85 25.75
N THR F 125 4.58 10.01 26.44
CA THR F 125 3.71 9.04 25.77
C THR F 125 2.29 9.61 25.74
N ILE F 126 1.72 9.64 24.53
CA ILE F 126 0.38 10.17 24.31
C ILE F 126 -0.56 9.05 23.80
N VAL F 127 -1.82 9.08 24.23
CA VAL F 127 -2.81 8.14 23.73
C VAL F 127 -3.80 8.89 22.83
N ASP F 128 -4.05 8.29 21.67
CA ASP F 128 -5.05 8.73 20.69
C ASP F 128 -6.22 7.78 20.84
N LEU F 129 -7.38 8.31 21.25
CA LEU F 129 -8.62 7.56 21.31
C LEU F 129 -9.52 8.04 20.19
N ALA F 130 -9.87 7.11 19.31
CA ALA F 130 -10.49 7.44 18.02
C ALA F 130 -11.79 6.69 17.80
N VAL F 131 -12.71 7.39 17.13
CA VAL F 131 -13.98 6.87 16.72
C VAL F 131 -14.07 6.93 15.20
N PHE F 132 -14.37 5.80 14.58
CA PHE F 132 -14.61 5.76 13.16
C PHE F 132 -16.10 5.73 12.86
N TYR F 133 -16.56 6.73 12.12
CA TYR F 133 -18.00 6.95 11.92
C TYR F 133 -18.47 6.61 10.52
N GLY F 134 -17.55 6.29 9.62
CA GLY F 134 -17.88 5.90 8.24
C GLY F 134 -16.90 4.84 7.77
N ARG F 135 -16.97 4.47 6.50
CA ARG F 135 -16.19 3.36 5.95
C ARG F 135 -15.10 3.85 4.98
N ASN F 136 -14.37 2.87 4.42
CA ASN F 136 -13.37 3.09 3.39
C ASN F 136 -12.25 4.01 3.93
N ASN F 137 -11.74 3.65 5.11
CA ASN F 137 -10.68 4.40 5.81
C ASN F 137 -9.40 3.61 5.73
N LEU F 138 -8.26 4.28 5.61
CA LEU F 138 -6.95 3.62 5.72
C LEU F 138 -6.10 4.32 6.75
N LEU F 139 -5.56 3.51 7.67
CA LEU F 139 -4.70 4.00 8.72
C LEU F 139 -3.26 4.00 8.21
N LEU F 140 -3.01 5.02 7.41
CA LEU F 140 -1.77 5.13 6.64
C LEU F 140 -1.50 6.61 6.41
N ASN F 141 -0.27 7.06 6.70
CA ASN F 141 0.11 8.45 6.53
C ASN F 141 1.51 8.59 5.96
N GLY F 142 1.80 9.80 5.52
CA GLY F 142 3.07 10.14 4.92
C GLY F 142 4.23 10.43 5.86
N ASP F 143 4.01 10.30 7.17
CA ASP F 143 5.06 10.41 8.20
C ASP F 143 5.77 9.08 8.36
N THR F 144 4.99 8.01 8.54
CA THR F 144 5.56 6.69 8.85
C THR F 144 5.02 5.51 8.04
N GLY F 145 3.94 5.69 7.26
CA GLY F 145 3.32 4.55 6.57
C GLY F 145 2.11 4.08 7.36
N TRP F 146 2.00 2.78 7.59
CA TRP F 146 0.88 2.21 8.30
C TRP F 146 0.93 2.56 9.80
N VAL F 147 -0.23 2.91 10.35
CA VAL F 147 -0.40 3.27 11.75
CA VAL F 147 -0.35 3.22 11.76
C VAL F 147 -1.52 2.41 12.35
N PRO F 148 -1.25 1.14 12.68
CA PRO F 148 -2.33 0.32 13.20
C PRO F 148 -2.91 0.81 14.52
N GLY F 149 -4.23 0.70 14.66
CA GLY F 149 -4.92 1.03 15.88
C GLY F 149 -5.47 -0.23 16.54
N ASN F 150 -5.43 -0.27 17.88
CA ASN F 150 -6.08 -1.37 18.63
C ASN F 150 -7.59 -1.12 18.64
N VAL F 151 -8.36 -2.05 18.09
CA VAL F 151 -9.83 -1.91 18.08
C VAL F 151 -10.33 -2.49 19.41
N PHE F 152 -10.86 -1.63 20.28
CA PHE F 152 -11.19 -2.08 21.65
C PHE F 152 -12.66 -1.91 22.04
N ALA F 153 -13.44 -1.29 21.18
CA ALA F 153 -14.85 -1.13 21.40
C ALA F 153 -15.58 -0.98 20.09
N THR F 154 -16.87 -1.27 20.14
CA THR F 154 -17.71 -1.13 18.98
CA THR F 154 -17.76 -1.23 18.97
C THR F 154 -19.02 -0.46 19.34
N ILE F 155 -19.34 0.59 18.59
CA ILE F 155 -20.54 1.40 18.86
C ILE F 155 -21.79 0.56 18.59
N VAL F 156 -22.64 0.41 19.61
CA VAL F 156 -23.87 -0.35 19.50
C VAL F 156 -25.15 0.50 19.58
N GLU F 157 -25.06 1.74 20.03
CA GLU F 157 -26.19 2.64 20.02
C GLU F 157 -25.73 4.02 19.65
N GLY F 158 -26.52 4.69 18.83
CA GLY F 158 -26.29 6.08 18.49
C GLY F 158 -25.27 6.34 17.39
N LEU F 159 -24.91 5.32 16.61
CA LEU F 159 -23.86 5.51 15.59
C LEU F 159 -24.25 6.52 14.53
N ASP F 160 -25.50 6.43 14.05
CA ASP F 160 -26.00 7.37 13.03
C ASP F 160 -25.95 8.81 13.52
N GLU F 161 -26.39 9.04 14.74
CA GLU F 161 -26.39 10.37 15.31
C GLU F 161 -24.95 10.85 15.51
N MSE F 162 -24.07 9.94 15.91
CA MSE F 162 -22.68 10.31 16.09
C MSE F 162 -22.06 10.67 14.75
O MSE F 162 -21.35 11.66 14.63
CB MSE F 162 -21.88 9.21 16.79
CG MSE F 162 -20.37 9.53 17.00
SE MSE F 162 -20.04 11.19 18.01
CE MSE F 162 -21.01 10.77 19.55
N ALA F 163 -22.32 9.85 13.73
CA ALA F 163 -21.82 10.15 12.38
C ALA F 163 -22.26 11.53 11.90
N ALA F 164 -23.52 11.88 12.14
CA ALA F 164 -24.06 13.19 11.74
C ALA F 164 -23.35 14.34 12.49
N ALA F 165 -23.01 14.09 13.77
CA ALA F 165 -22.25 15.08 14.57
C ALA F 165 -20.81 15.27 14.03
N CYS F 166 -20.20 14.17 13.63
CA CYS F 166 -18.82 14.18 13.12
C CYS F 166 -18.71 14.89 11.76
N GLN F 167 -19.70 14.71 10.90
CA GLN F 167 -19.76 15.45 9.65
CA GLN F 167 -19.87 15.46 9.65
C GLN F 167 -19.87 16.96 9.96
N ASP F 168 -20.61 17.31 11.00
CA ASP F 168 -20.73 18.67 11.41
C ASP F 168 -19.39 19.19 12.01
N ILE F 169 -18.61 18.33 12.67
CA ILE F 169 -17.25 18.74 13.07
C ILE F 169 -16.40 19.00 11.82
N TRP F 170 -16.54 18.15 10.81
CA TRP F 170 -15.78 18.29 9.58
C TRP F 170 -16.11 19.65 8.90
N MSE F 171 -17.40 19.96 8.73
CA MSE F 171 -17.81 21.19 8.05
C MSE F 171 -17.85 22.43 8.95
O MSE F 171 -17.63 23.54 8.46
CB MSE F 171 -19.20 21.01 7.42
CG MSE F 171 -19.23 19.90 6.34
SE MSE F 171 -18.00 20.31 4.89
CE MSE F 171 -18.67 22.07 4.44
N GLY F 172 -18.16 22.24 10.24
CA GLY F 172 -18.40 23.33 11.19
C GLY F 172 -17.30 23.56 12.18
N GLY F 173 -16.32 22.66 12.24
CA GLY F 173 -15.17 22.86 13.09
C GLY F 173 -15.25 22.16 14.43
N ALA F 174 -14.11 22.14 15.12
CA ALA F 174 -13.95 21.48 16.42
C ALA F 174 -13.78 22.45 17.59
N ARG F 175 -13.92 23.77 17.35
CA ARG F 175 -13.72 24.78 18.39
CA ARG F 175 -13.68 24.74 18.41
C ARG F 175 -14.62 24.54 19.59
N ASP F 176 -14.02 24.49 20.76
CA ASP F 176 -14.71 24.35 22.04
C ASP F 176 -15.44 23.03 22.14
N GLU F 177 -15.09 22.07 21.28
CA GLU F 177 -15.75 20.80 21.29
C GLU F 177 -14.83 19.86 21.99
N THR F 178 -15.40 19.02 22.84
CA THR F 178 -14.65 18.07 23.67
C THR F 178 -15.21 16.68 23.43
N LEU F 179 -14.31 15.71 23.31
CA LEU F 179 -14.69 14.30 23.18
C LEU F 179 -14.40 13.55 24.49
N THR F 180 -15.45 12.98 25.06
CA THR F 180 -15.39 12.37 26.39
C THR F 180 -15.72 10.88 26.37
N PHE F 181 -14.80 10.07 26.88
CA PHE F 181 -15.06 8.67 27.11
C PHE F 181 -15.35 8.44 28.60
N SER F 182 -16.45 7.75 28.90
CA SER F 182 -16.90 7.52 30.28
C SER F 182 -17.51 6.14 30.42
N ARG F 183 -17.57 5.64 31.66
CA ARG F 183 -18.21 4.36 31.91
C ARG F 183 -19.74 4.51 31.85
N ALA F 184 -20.40 3.54 31.20
CA ALA F 184 -21.85 3.53 31.06
C ALA F 184 -22.42 2.75 32.24
N GLU F 185 -23.46 3.31 32.87
CA GLU F 185 -24.18 2.70 34.02
C GLU F 185 -24.75 1.32 33.70
#